data_7TML
# 
_entry.id   7TML 
# 
_audit_conform.dict_name       mmcif_pdbx.dic 
_audit_conform.dict_version    5.396 
_audit_conform.dict_location   http://mmcif.pdb.org/dictionaries/ascii/mmcif_pdbx.dic 
# 
loop_
_database_2.database_id 
_database_2.database_code 
_database_2.pdbx_database_accession 
_database_2.pdbx_DOI 
PDB   7TML         pdb_00007tml 10.2210/pdb7tml/pdb 
WWPDB D_1000262552 ?            ?                   
# 
loop_
_pdbx_audit_revision_history.ordinal 
_pdbx_audit_revision_history.data_content_type 
_pdbx_audit_revision_history.major_revision 
_pdbx_audit_revision_history.minor_revision 
_pdbx_audit_revision_history.revision_date 
1 'Structure model' 1 0 2022-04-20 
2 'Structure model' 1 1 2022-04-27 
3 'Structure model' 1 2 2023-10-18 
4 'Structure model' 1 3 2023-11-15 
5 'Structure model' 2 0 2024-09-25 
# 
_pdbx_audit_revision_details.ordinal             1 
_pdbx_audit_revision_details.revision_ordinal    1 
_pdbx_audit_revision_details.data_content_type   'Structure model' 
_pdbx_audit_revision_details.provider            repository 
_pdbx_audit_revision_details.type                'Initial release' 
_pdbx_audit_revision_details.description         ? 
_pdbx_audit_revision_details.details             ? 
# 
loop_
_pdbx_audit_revision_group.ordinal 
_pdbx_audit_revision_group.revision_ordinal 
_pdbx_audit_revision_group.data_content_type 
_pdbx_audit_revision_group.group 
1  2 'Structure model' 'Database references'    
2  3 'Structure model' 'Data collection'        
3  3 'Structure model' 'Refinement description' 
4  4 'Structure model' 'Data collection'        
5  5 'Structure model' Advisory                 
6  5 'Structure model' 'Atomic model'           
7  5 'Structure model' 'Data collection'        
8  5 'Structure model' 'Database references'    
9  5 'Structure model' 'Derived calculations'   
10 5 'Structure model' 'Polymer sequence'       
11 5 'Structure model' 'Source and taxonomy'    
12 5 'Structure model' 'Structure summary'      
# 
loop_
_pdbx_audit_revision_category.ordinal 
_pdbx_audit_revision_category.revision_ordinal 
_pdbx_audit_revision_category.data_content_type 
_pdbx_audit_revision_category.category 
1  2 'Structure model' citation                      
2  3 'Structure model' chem_comp_atom                
3  3 'Structure model' chem_comp_bond                
4  3 'Structure model' pdbx_initial_refinement_model 
5  4 'Structure model' chem_comp_atom                
6  4 'Structure model' chem_comp_bond                
7  5 'Structure model' atom_site                     
8  5 'Structure model' atom_site_anisotrop           
9  5 'Structure model' entity                        
10 5 'Structure model' entity_poly                   
11 5 'Structure model' entity_poly_seq               
12 5 'Structure model' pdbx_distant_solvent_atoms    
13 5 'Structure model' pdbx_entity_nonpoly           
14 5 'Structure model' pdbx_entity_src_syn           
15 5 'Structure model' pdbx_nonpoly_scheme           
16 5 'Structure model' pdbx_poly_seq_scheme          
17 5 'Structure model' pdbx_struct_assembly_gen      
18 5 'Structure model' pdbx_validate_close_contact   
19 5 'Structure model' struct_asym                   
20 5 'Structure model' struct_conf                   
21 5 'Structure model' struct_conn                   
22 5 'Structure model' struct_ref_seq                
# 
loop_
_pdbx_audit_revision_item.ordinal 
_pdbx_audit_revision_item.revision_ordinal 
_pdbx_audit_revision_item.data_content_type 
_pdbx_audit_revision_item.item 
1  2 'Structure model' '_citation.journal_volume'                                    
2  2 'Structure model' '_citation.page_first'                                        
3  2 'Structure model' '_citation.page_last'                                         
4  4 'Structure model' '_chem_comp_atom.atom_id'                                     
5  4 'Structure model' '_chem_comp_bond.atom_id_2'                                   
6  5 'Structure model' '_atom_site.B_iso_or_equiv'                                   
7  5 'Structure model' '_atom_site.Cartn_x'                                          
8  5 'Structure model' '_atom_site.Cartn_y'                                          
9  5 'Structure model' '_atom_site.Cartn_z'                                          
10 5 'Structure model' '_atom_site.auth_atom_id'                                     
11 5 'Structure model' '_atom_site.auth_comp_id'                                     
12 5 'Structure model' '_atom_site.auth_seq_id'                                      
13 5 'Structure model' '_atom_site.group_PDB'                                        
14 5 'Structure model' '_atom_site.label_alt_id'                                     
15 5 'Structure model' '_atom_site.label_asym_id'                                    
16 5 'Structure model' '_atom_site.label_atom_id'                                    
17 5 'Structure model' '_atom_site.label_comp_id'                                    
18 5 'Structure model' '_atom_site.label_entity_id'                                  
19 5 'Structure model' '_atom_site.label_seq_id'                                     
20 5 'Structure model' '_atom_site.occupancy'                                        
21 5 'Structure model' '_atom_site.type_symbol'                                      
22 5 'Structure model' '_atom_site_anisotrop.U[1][1]'                                
23 5 'Structure model' '_atom_site_anisotrop.U[1][2]'                                
24 5 'Structure model' '_atom_site_anisotrop.U[1][3]'                                
25 5 'Structure model' '_atom_site_anisotrop.U[2][2]'                                
26 5 'Structure model' '_atom_site_anisotrop.U[2][3]'                                
27 5 'Structure model' '_atom_site_anisotrop.U[3][3]'                                
28 5 'Structure model' '_atom_site_anisotrop.id'                                     
29 5 'Structure model' '_atom_site_anisotrop.pdbx_auth_atom_id'                      
30 5 'Structure model' '_atom_site_anisotrop.pdbx_auth_comp_id'                      
31 5 'Structure model' '_atom_site_anisotrop.pdbx_auth_seq_id'                       
32 5 'Structure model' '_atom_site_anisotrop.pdbx_label_alt_id'                      
33 5 'Structure model' '_atom_site_anisotrop.pdbx_label_asym_id'                     
34 5 'Structure model' '_atom_site_anisotrop.pdbx_label_atom_id'                     
35 5 'Structure model' '_atom_site_anisotrop.pdbx_label_comp_id'                     
36 5 'Structure model' '_atom_site_anisotrop.pdbx_label_seq_id'                      
37 5 'Structure model' '_atom_site_anisotrop.type_symbol'                            
38 5 'Structure model' '_entity_poly.pdbx_seq_one_letter_code'                       
39 5 'Structure model' '_entity_poly.pdbx_seq_one_letter_code_can'                   
40 5 'Structure model' '_pdbx_distant_solvent_atoms.auth_seq_id'                     
41 5 'Structure model' '_pdbx_distant_solvent_atoms.neighbor_ligand_distance'        
42 5 'Structure model' '_pdbx_distant_solvent_atoms.neighbor_macromolecule_distance' 
43 5 'Structure model' '_pdbx_entity_src_syn.pdbx_end_seq_num'                       
44 5 'Structure model' '_pdbx_struct_assembly_gen.asym_id_list'                      
45 5 'Structure model' '_pdbx_validate_close_contact.auth_seq_id_1'                  
46 5 'Structure model' '_pdbx_validate_close_contact.auth_seq_id_2'                  
47 5 'Structure model' '_struct_conf.beg_label_seq_id'                               
48 5 'Structure model' '_struct_conf.end_label_seq_id'                               
49 5 'Structure model' '_struct_conn.pdbx_dist_value'                                
50 5 'Structure model' '_struct_conn.pdbx_leaving_atom_flag'                         
51 5 'Structure model' '_struct_conn.ptnr1_auth_comp_id'                             
52 5 'Structure model' '_struct_conn.ptnr1_auth_seq_id'                              
53 5 'Structure model' '_struct_conn.ptnr1_label_atom_id'                            
54 5 'Structure model' '_struct_conn.ptnr1_label_comp_id'                            
55 5 'Structure model' '_struct_conn.ptnr1_label_seq_id'                             
56 5 'Structure model' '_struct_conn.ptnr2_auth_comp_id'                             
57 5 'Structure model' '_struct_conn.ptnr2_auth_seq_id'                              
58 5 'Structure model' '_struct_conn.ptnr2_label_asym_id'                            
59 5 'Structure model' '_struct_conn.ptnr2_label_atom_id'                            
60 5 'Structure model' '_struct_conn.ptnr2_label_comp_id'                            
61 5 'Structure model' '_struct_conn.ptnr2_label_seq_id'                             
62 5 'Structure model' '_struct_ref_seq.seq_align_beg'                               
63 5 'Structure model' '_struct_ref_seq.seq_align_end'                               
# 
_pdbx_database_status.status_code                     REL 
_pdbx_database_status.status_code_sf                  REL 
_pdbx_database_status.status_code_mr                  ? 
_pdbx_database_status.entry_id                        7TML 
_pdbx_database_status.recvd_initial_deposition_date   2022-01-19 
_pdbx_database_status.SG_entry                        N 
_pdbx_database_status.deposit_site                    RCSB 
_pdbx_database_status.process_site                    RCSB 
_pdbx_database_status.status_code_cs                  ? 
_pdbx_database_status.status_code_nmr_data            ? 
_pdbx_database_status.methods_development_category    ? 
_pdbx_database_status.pdb_format_compatible           Y 
# 
_pdbx_contact_author.id                 2 
_pdbx_contact_author.email              andyn@uic.edu 
_pdbx_contact_author.name_first         Andy 
_pdbx_contact_author.name_last          Nguyen 
_pdbx_contact_author.name_mi            I 
_pdbx_contact_author.role               'principal investigator/group leader' 
_pdbx_contact_author.identifier_ORCID   0000-0003-4137-6453 
# 
_audit_author.name               'Nguyen, A.I.' 
_audit_author.pdbx_ordinal       1 
_audit_author.identifier_ORCID   0000-0003-4137-6453 
# 
_citation.abstract                  ? 
_citation.abstract_id_CAS           ? 
_citation.book_id_ISBN              ? 
_citation.book_publisher            ? 
_citation.book_publisher_city       ? 
_citation.book_title                ? 
_citation.coordinate_linkage        ? 
_citation.country                   US 
_citation.database_id_Medline       ? 
_citation.details                   ? 
_citation.id                        primary 
_citation.journal_abbrev            J.Am.Chem.Soc. 
_citation.journal_id_ASTM           JACSAT 
_citation.journal_id_CSD            ? 
_citation.journal_id_ISSN           1520-5126 
_citation.journal_full              ? 
_citation.journal_issue             ? 
_citation.journal_volume            144 
_citation.language                  ? 
_citation.page_first                7001 
_citation.page_last                 7009 
_citation.title                     
'Assembly of pi-Stacking Helical Peptides into a Porous and Multivariable Proteomimetic Framework.' 
_citation.year                      2022 
_citation.database_id_CSD           ? 
_citation.pdbx_database_id_DOI      10.1021/jacs.2c02146 
_citation.pdbx_database_id_PubMed   35390261 
_citation.pdbx_database_id_patent   ? 
_citation.unpublished_flag          ? 
# 
loop_
_citation_author.citation_id 
_citation_author.name 
_citation_author.ordinal 
_citation_author.identifier_ORCID 
primary 'Heinz-Kunert, S.L.' 1 ?                   
primary 'Pandya, A.'         2 0000-0003-3303-1009 
primary 'Dang, V.T.'         3 ?                   
primary 'Tran, P.N.'         4 ?                   
primary 'Ghosh, S.'          5 ?                   
primary 'McElheny, D.'       6 ?                   
primary 'Santarsiero, B.D.'  7 0000-0002-9032-9699 
primary 'Ren, Z.'            8 0000-0001-7098-3127 
primary 'Nguyen, A.I.'       9 0000-0003-4137-6453 
# 
loop_
_entity.id 
_entity.type 
_entity.src_method 
_entity.pdbx_description 
_entity.formula_weight 
_entity.pdbx_number_of_molecules 
_entity.pdbx_ec 
_entity.pdbx_mutation 
_entity.pdbx_fragment 
_entity.details 
1 polymer     syn 'bipyridyl-conjugated helical peptide' 1374.589 1 ? ? ? ? 
2 non-polymer syn iodobenzene                            204.008  1 ? ? ? ? 
3 non-polymer syn ACETONITRILE                           41.052   1 ? ? ? ? 
4 water       nat water                                  18.015   8 ? ? ? ? 
# 
_entity_poly.entity_id                      1 
_entity_poly.type                           'polypeptide(L)' 
_entity_poly.nstd_linkage                   no 
_entity_poly.nstd_monomer                   yes 
_entity_poly.pdbx_seq_one_letter_code       '(I6W)L(AIB)A(AIB)L(AIB)Q(AIB)L(I77)' 
_entity_poly.pdbx_seq_one_letter_code_can   XLAAALAQALX 
_entity_poly.pdbx_strand_id                 A 
_entity_poly.pdbx_target_identifier         ? 
# 
loop_
_pdbx_entity_nonpoly.entity_id 
_pdbx_entity_nonpoly.name 
_pdbx_entity_nonpoly.comp_id 
2 iodobenzene  PIH 
3 ACETONITRILE CCN 
4 water        HOH 
# 
loop_
_entity_poly_seq.entity_id 
_entity_poly_seq.num 
_entity_poly_seq.mon_id 
_entity_poly_seq.hetero 
1 1  I6W n 
1 2  LEU n 
1 3  AIB n 
1 4  ALA n 
1 5  AIB n 
1 6  LEU n 
1 7  AIB n 
1 8  GLN n 
1 9  AIB n 
1 10 LEU n 
1 11 I77 n 
# 
_pdbx_entity_src_syn.entity_id              1 
_pdbx_entity_src_syn.pdbx_src_id            1 
_pdbx_entity_src_syn.pdbx_alt_source_flag   sample 
_pdbx_entity_src_syn.pdbx_beg_seq_num       1 
_pdbx_entity_src_syn.pdbx_end_seq_num       11 
_pdbx_entity_src_syn.organism_scientific    'synthetic construct' 
_pdbx_entity_src_syn.organism_common_name   ? 
_pdbx_entity_src_syn.ncbi_taxonomy_id       32630 
_pdbx_entity_src_syn.details                ? 
# 
loop_
_chem_comp.id 
_chem_comp.type 
_chem_comp.mon_nstd_flag 
_chem_comp.name 
_chem_comp.pdbx_synonyms 
_chem_comp.formula 
_chem_comp.formula_weight 
AIB 'L-peptide linking' n 'ALPHA-AMINOISOBUTYRIC ACID'                            ? 'C4 H9 N O2'    103.120 
ALA 'L-peptide linking' y ALANINE                                                 ? 'C3 H7 N O2'    89.093  
CCN non-polymer         . ACETONITRILE                                            ? 'C2 H3 N'       41.052  
GLN 'L-peptide linking' y GLUTAMINE                                               ? 'C5 H10 N2 O3'  146.144 
HOH non-polymer         . WATER                                                   ? 'H2 O'          18.015  
I6W non-polymer         . 
;ethyl 5'-formyl[2,2'-bipyridine]-5-carboxylate
;
? 'C14 H12 N2 O3' 256.257 
I77 non-polymer         . "5'-(hydrazinecarbonyl)[2,2'-bipyridine]-5-carboxamide" ? 'C12 H11 N5 O2' 257.248 
LEU 'L-peptide linking' y LEUCINE                                                 ? 'C6 H13 N O2'   131.173 
PIH non-polymer         . iodobenzene                                             ? 'C6 H5 I'       204.008 
# 
loop_
_pdbx_poly_seq_scheme.asym_id 
_pdbx_poly_seq_scheme.entity_id 
_pdbx_poly_seq_scheme.seq_id 
_pdbx_poly_seq_scheme.mon_id 
_pdbx_poly_seq_scheme.ndb_seq_num 
_pdbx_poly_seq_scheme.pdb_seq_num 
_pdbx_poly_seq_scheme.auth_seq_num 
_pdbx_poly_seq_scheme.pdb_mon_id 
_pdbx_poly_seq_scheme.auth_mon_id 
_pdbx_poly_seq_scheme.pdb_strand_id 
_pdbx_poly_seq_scheme.pdb_ins_code 
_pdbx_poly_seq_scheme.hetero 
A 1 1  I6W 1  1  1  I6W BPE A . n 
A 1 2  LEU 2  2  2  LEU LEU A . n 
A 1 3  AIB 3  3  3  AIB AIB A . n 
A 1 4  ALA 4  4  4  ALA ALA A . n 
A 1 5  AIB 5  5  5  AIB AIB A . n 
A 1 6  LEU 6  6  6  LEU LEU A . n 
A 1 7  AIB 7  7  7  AIB AIB A . n 
A 1 8  GLN 8  8  8  GLN GLN A . n 
A 1 9  AIB 9  9  9  AIB AIB A . n 
A 1 10 LEU 10 10 10 LEU LEU A . n 
A 1 11 I77 11 11 11 I77 BPH A . n 
# 
loop_
_pdbx_nonpoly_scheme.asym_id 
_pdbx_nonpoly_scheme.entity_id 
_pdbx_nonpoly_scheme.mon_id 
_pdbx_nonpoly_scheme.ndb_seq_num 
_pdbx_nonpoly_scheme.pdb_seq_num 
_pdbx_nonpoly_scheme.auth_seq_num 
_pdbx_nonpoly_scheme.pdb_mon_id 
_pdbx_nonpoly_scheme.auth_mon_id 
_pdbx_nonpoly_scheme.pdb_strand_id 
_pdbx_nonpoly_scheme.pdb_ins_code 
B 2 PIH 1 201 1 PIH IOB A . 
C 3 CCN 1 202 1 CCN ACN A . 
D 4 HOH 1 301 4 HOH HOH A . 
D 4 HOH 2 302 5 HOH HOH A . 
D 4 HOH 3 303 7 HOH HOH A . 
D 4 HOH 4 304 6 HOH HOH A . 
D 4 HOH 5 305 1 HOH HOH A . 
D 4 HOH 6 306 2 HOH HOH A . 
D 4 HOH 7 307 3 HOH HOH A . 
D 4 HOH 8 308 8 HOH HOH A . 
# 
loop_
_software.citation_id 
_software.classification 
_software.compiler_name 
_software.compiler_version 
_software.contact_author 
_software.contact_author_email 
_software.date 
_software.description 
_software.dependencies 
_software.hardware 
_software.language 
_software.location 
_software.mods 
_software.name 
_software.os 
_software.os_version 
_software.type 
_software.version 
_software.pdbx_ordinal 
? refinement       ? ? ? ? ? ? ? ? ? ? ? PHENIX ? ? ? 1.19.2_4158 1 
? phasing          ? ? ? ? ? ? ? ? ? ? ? PHASER ? ? ? .           2 
? 'data reduction' ? ? ? ? ? ? ? ? ? ? ? APEX   ? ? ? .           3 
? 'data scaling'   ? ? ? ? ? ? ? ? ? ? ? APEX   ? ? ? .           4 
# 
_cell.angle_alpha                  90.000 
_cell.angle_alpha_esd              ? 
_cell.angle_beta                   97.651 
_cell.angle_beta_esd               ? 
_cell.angle_gamma                  90.000 
_cell.angle_gamma_esd              ? 
_cell.entry_id                     7TML 
_cell.details                      ? 
_cell.formula_units_Z              ? 
_cell.length_a                     13.760 
_cell.length_a_esd                 ? 
_cell.length_b                     13.394 
_cell.length_b_esd                 ? 
_cell.length_c                     27.732 
_cell.length_c_esd                 ? 
_cell.volume                       5065.379 
_cell.volume_esd                   ? 
_cell.Z_PDB                        2 
_cell.reciprocal_angle_alpha       ? 
_cell.reciprocal_angle_beta        ? 
_cell.reciprocal_angle_gamma       ? 
_cell.reciprocal_angle_alpha_esd   ? 
_cell.reciprocal_angle_beta_esd    ? 
_cell.reciprocal_angle_gamma_esd   ? 
_cell.reciprocal_length_a          ? 
_cell.reciprocal_length_b          ? 
_cell.reciprocal_length_c          ? 
_cell.reciprocal_length_a_esd      ? 
_cell.reciprocal_length_b_esd      ? 
_cell.reciprocal_length_c_esd      ? 
_cell.pdbx_unique_axis             ? 
# 
_symmetry.entry_id                         7TML 
_symmetry.cell_setting                     ? 
_symmetry.Int_Tables_number                4 
_symmetry.space_group_name_Hall            'P 2yb' 
_symmetry.space_group_name_H-M             'P 1 21 1' 
_symmetry.pdbx_full_space_group_name_H-M   ? 
# 
_exptl.absorpt_coefficient_mu     ? 
_exptl.absorpt_correction_T_max   ? 
_exptl.absorpt_correction_T_min   ? 
_exptl.absorpt_correction_type    ? 
_exptl.absorpt_process_details    ? 
_exptl.entry_id                   7TML 
_exptl.crystals_number            1 
_exptl.details                    ? 
_exptl.method                     'X-RAY DIFFRACTION' 
_exptl.method_details             ? 
# 
_exptl_crystal.colour                      ? 
_exptl_crystal.density_diffrn              ? 
_exptl_crystal.density_Matthews            2.82 
_exptl_crystal.density_method              ? 
_exptl_crystal.density_percent_sol         56.43 
_exptl_crystal.description                 ? 
_exptl_crystal.F_000                       ? 
_exptl_crystal.id                          1 
_exptl_crystal.preparation                 ? 
_exptl_crystal.size_max                    ? 
_exptl_crystal.size_mid                    ? 
_exptl_crystal.size_min                    ? 
_exptl_crystal.size_rad                    ? 
_exptl_crystal.colour_lustre               ? 
_exptl_crystal.colour_modifier             ? 
_exptl_crystal.colour_primary              ? 
_exptl_crystal.density_meas                ? 
_exptl_crystal.density_meas_esd            ? 
_exptl_crystal.density_meas_gt             ? 
_exptl_crystal.density_meas_lt             ? 
_exptl_crystal.density_meas_temp           ? 
_exptl_crystal.density_meas_temp_esd       ? 
_exptl_crystal.density_meas_temp_gt        ? 
_exptl_crystal.density_meas_temp_lt        ? 
_exptl_crystal.pdbx_crystal_image_url      ? 
_exptl_crystal.pdbx_crystal_image_format   ? 
_exptl_crystal.pdbx_mosaicity              ? 
_exptl_crystal.pdbx_mosaicity_esd          ? 
# 
_exptl_crystal_grow.apparatus       ? 
_exptl_crystal_grow.atmosphere      ? 
_exptl_crystal_grow.crystal_id      1 
_exptl_crystal_grow.details         ? 
_exptl_crystal_grow.method          'SLOW COOLING' 
_exptl_crystal_grow.method_ref      ? 
_exptl_crystal_grow.pH              ? 
_exptl_crystal_grow.pressure        ? 
_exptl_crystal_grow.pressure_esd    ? 
_exptl_crystal_grow.seeding         ? 
_exptl_crystal_grow.seeding_ref     ? 
_exptl_crystal_grow.temp            298 
_exptl_crystal_grow.temp_details    ? 
_exptl_crystal_grow.temp_esd        ? 
_exptl_crystal_grow.time            ? 
_exptl_crystal_grow.pdbx_details    'water acetonitrile and iodobenzene' 
_exptl_crystal_grow.pdbx_pH_range   ? 
# 
_diffrn.ambient_environment              ? 
_diffrn.ambient_temp                     100 
_diffrn.ambient_temp_details             ? 
_diffrn.ambient_temp_esd                 ? 
_diffrn.crystal_id                       1 
_diffrn.crystal_support                  ? 
_diffrn.crystal_treatment                ? 
_diffrn.details                          ? 
_diffrn.id                               1 
_diffrn.ambient_pressure                 ? 
_diffrn.ambient_pressure_esd             ? 
_diffrn.ambient_pressure_gt              ? 
_diffrn.ambient_pressure_lt              ? 
_diffrn.ambient_temp_gt                  ? 
_diffrn.ambient_temp_lt                  ? 
_diffrn.pdbx_serial_crystal_experiment   N 
# 
_diffrn_detector.details                      ? 
_diffrn_detector.detector                     PIXEL 
_diffrn_detector.diffrn_id                    1 
_diffrn_detector.type                         'Bruker PHOTON II' 
_diffrn_detector.area_resol_mean              ? 
_diffrn_detector.dtime                        ? 
_diffrn_detector.pdbx_frames_total            ? 
_diffrn_detector.pdbx_collection_time_total   ? 
_diffrn_detector.pdbx_collection_date         2021-06-29 
_diffrn_detector.pdbx_frequency               ? 
# 
_diffrn_radiation.collimation                      ? 
_diffrn_radiation.diffrn_id                        1 
_diffrn_radiation.filter_edge                      ? 
_diffrn_radiation.inhomogeneity                    ? 
_diffrn_radiation.monochromator                    ? 
_diffrn_radiation.polarisn_norm                    ? 
_diffrn_radiation.polarisn_ratio                   ? 
_diffrn_radiation.probe                            ? 
_diffrn_radiation.type                             ? 
_diffrn_radiation.xray_symbol                      ? 
_diffrn_radiation.wavelength_id                    1 
_diffrn_radiation.pdbx_monochromatic_or_laue_m_l   M 
_diffrn_radiation.pdbx_wavelength_list             ? 
_diffrn_radiation.pdbx_wavelength                  ? 
_diffrn_radiation.pdbx_diffrn_protocol             'SINGLE WAVELENGTH' 
_diffrn_radiation.pdbx_analyzer                    ? 
_diffrn_radiation.pdbx_scattering_type             x-ray 
# 
_diffrn_radiation_wavelength.id           1 
_diffrn_radiation_wavelength.wavelength   0.711 
_diffrn_radiation_wavelength.wt           1.0 
# 
_diffrn_source.current                     ? 
_diffrn_source.details                     ? 
_diffrn_source.diffrn_id                   1 
_diffrn_source.power                       ? 
_diffrn_source.size                        ? 
_diffrn_source.source                      'SEALED TUBE' 
_diffrn_source.target                      ? 
_diffrn_source.type                        'BRUKER D8 QUEST' 
_diffrn_source.voltage                     ? 
_diffrn_source.take-off_angle              ? 
_diffrn_source.pdbx_wavelength_list        0.711 
_diffrn_source.pdbx_wavelength             ? 
_diffrn_source.pdbx_synchrotron_beamline   ? 
_diffrn_source.pdbx_synchrotron_site       ? 
# 
_reflns.B_iso_Wilson_estimate                          4.29 
_reflns.entry_id                                       7TML 
_reflns.data_reduction_details                         ? 
_reflns.data_reduction_method                          ? 
_reflns.d_resolution_high                              .93 
_reflns.d_resolution_low                               8.78 
_reflns.details                                        ? 
_reflns.limit_h_max                                    ? 
_reflns.limit_h_min                                    ? 
_reflns.limit_k_max                                    ? 
_reflns.limit_k_min                                    ? 
_reflns.limit_l_max                                    ? 
_reflns.limit_l_min                                    ? 
_reflns.number_all                                     ? 
_reflns.number_obs                                     6833 
_reflns.observed_criterion                             ? 
_reflns.observed_criterion_F_max                       ? 
_reflns.observed_criterion_F_min                       ? 
_reflns.observed_criterion_I_max                       ? 
_reflns.observed_criterion_I_min                       ? 
_reflns.observed_criterion_sigma_F                     ? 
_reflns.observed_criterion_sigma_I                     ? 
_reflns.percent_possible_obs                           98.34 
_reflns.R_free_details                                 ? 
_reflns.Rmerge_F_all                                   ? 
_reflns.Rmerge_F_obs                                   ? 
_reflns.Friedel_coverage                               ? 
_reflns.number_gt                                      ? 
_reflns.threshold_expression                           ? 
_reflns.pdbx_redundancy                                2.0 
_reflns.pdbx_Rmerge_I_obs                              .0736 
_reflns.pdbx_Rmerge_I_all                              ? 
_reflns.pdbx_Rsym_value                                ? 
_reflns.pdbx_netI_over_av_sigmaI                       ? 
_reflns.pdbx_netI_over_sigmaI                          10.7 
_reflns.pdbx_res_netI_over_av_sigmaI_2                 ? 
_reflns.pdbx_res_netI_over_sigmaI_2                    ? 
_reflns.pdbx_chi_squared                               ? 
_reflns.pdbx_scaling_rejects                           ? 
_reflns.pdbx_d_res_high_opt                            ? 
_reflns.pdbx_d_res_low_opt                             ? 
_reflns.pdbx_d_res_opt_method                          ? 
_reflns.phase_calculation_details                      ? 
_reflns.pdbx_Rrim_I_all                                ? 
_reflns.pdbx_Rpim_I_all                                ? 
_reflns.pdbx_d_opt                                     ? 
_reflns.pdbx_number_measured_all                       ? 
_reflns.pdbx_diffrn_id                                 1 
_reflns.pdbx_ordinal                                   1 
_reflns.pdbx_CC_half                                   .998 
_reflns.pdbx_CC_star                                   ? 
_reflns.pdbx_R_split                                   ? 
_reflns.pdbx_aniso_diffraction_limit_axis_1_ortho[1]   ? 
_reflns.pdbx_aniso_diffraction_limit_axis_1_ortho[2]   ? 
_reflns.pdbx_aniso_diffraction_limit_axis_1_ortho[3]   ? 
_reflns.pdbx_aniso_diffraction_limit_axis_2_ortho[1]   ? 
_reflns.pdbx_aniso_diffraction_limit_axis_2_ortho[2]   ? 
_reflns.pdbx_aniso_diffraction_limit_axis_2_ortho[3]   ? 
_reflns.pdbx_aniso_diffraction_limit_axis_3_ortho[1]   ? 
_reflns.pdbx_aniso_diffraction_limit_axis_3_ortho[2]   ? 
_reflns.pdbx_aniso_diffraction_limit_axis_3_ortho[3]   ? 
_reflns.pdbx_aniso_diffraction_limit_1                 ? 
_reflns.pdbx_aniso_diffraction_limit_2                 ? 
_reflns.pdbx_aniso_diffraction_limit_3                 ? 
_reflns.pdbx_aniso_B_tensor_eigenvector_1_ortho[1]     ? 
_reflns.pdbx_aniso_B_tensor_eigenvector_1_ortho[2]     ? 
_reflns.pdbx_aniso_B_tensor_eigenvector_1_ortho[3]     ? 
_reflns.pdbx_aniso_B_tensor_eigenvector_2_ortho[1]     ? 
_reflns.pdbx_aniso_B_tensor_eigenvector_2_ortho[2]     ? 
_reflns.pdbx_aniso_B_tensor_eigenvector_2_ortho[3]     ? 
_reflns.pdbx_aniso_B_tensor_eigenvector_3_ortho[1]     ? 
_reflns.pdbx_aniso_B_tensor_eigenvector_3_ortho[2]     ? 
_reflns.pdbx_aniso_B_tensor_eigenvector_3_ortho[3]     ? 
_reflns.pdbx_aniso_B_tensor_eigenvalue_1               ? 
_reflns.pdbx_aniso_B_tensor_eigenvalue_2               ? 
_reflns.pdbx_aniso_B_tensor_eigenvalue_3               ? 
_reflns.pdbx_orthogonalization_convention              ? 
_reflns.pdbx_percent_possible_ellipsoidal              ? 
_reflns.pdbx_percent_possible_spherical                ? 
_reflns.pdbx_percent_possible_ellipsoidal_anomalous    ? 
_reflns.pdbx_percent_possible_spherical_anomalous      ? 
_reflns.pdbx_redundancy_anomalous                      ? 
_reflns.pdbx_CC_half_anomalous                         ? 
_reflns.pdbx_absDiff_over_sigma_anomalous              ? 
_reflns.pdbx_percent_possible_anomalous                ? 
_reflns.pdbx_observed_signal_threshold                 ? 
_reflns.pdbx_signal_type                               ? 
_reflns.pdbx_signal_details                            ? 
_reflns.pdbx_signal_software_id                        ? 
# 
_reflns_shell.d_res_high                                    .93 
_reflns_shell.d_res_low                                     .963 
_reflns_shell.meanI_over_sigI_all                           ? 
_reflns_shell.meanI_over_sigI_obs                           ? 
_reflns_shell.number_measured_all                           ? 
_reflns_shell.number_measured_obs                           ? 
_reflns_shell.number_possible                               ? 
_reflns_shell.number_unique_all                             ? 
_reflns_shell.number_unique_obs                             683 
_reflns_shell.percent_possible_all                          ? 
_reflns_shell.percent_possible_obs                          ? 
_reflns_shell.Rmerge_F_all                                  ? 
_reflns_shell.Rmerge_F_obs                                  ? 
_reflns_shell.Rmerge_I_all                                  ? 
_reflns_shell.Rmerge_I_obs                                  ? 
_reflns_shell.meanI_over_sigI_gt                            ? 
_reflns_shell.meanI_over_uI_all                             ? 
_reflns_shell.meanI_over_uI_gt                              ? 
_reflns_shell.number_measured_gt                            ? 
_reflns_shell.number_unique_gt                              ? 
_reflns_shell.percent_possible_gt                           ? 
_reflns_shell.Rmerge_F_gt                                   ? 
_reflns_shell.Rmerge_I_gt                                   ? 
_reflns_shell.pdbx_redundancy                               ? 
_reflns_shell.pdbx_Rsym_value                               ? 
_reflns_shell.pdbx_chi_squared                              ? 
_reflns_shell.pdbx_netI_over_sigmaI_all                     ? 
_reflns_shell.pdbx_netI_over_sigmaI_obs                     ? 
_reflns_shell.pdbx_Rrim_I_all                               ? 
_reflns_shell.pdbx_Rpim_I_all                               ? 
_reflns_shell.pdbx_rejects                                  ? 
_reflns_shell.pdbx_ordinal                                  1 
_reflns_shell.pdbx_diffrn_id                                1 
_reflns_shell.pdbx_CC_half                                  .511 
_reflns_shell.pdbx_CC_star                                  ? 
_reflns_shell.pdbx_R_split                                  ? 
_reflns_shell.pdbx_percent_possible_ellipsoidal             ? 
_reflns_shell.pdbx_percent_possible_spherical               ? 
_reflns_shell.pdbx_percent_possible_ellipsoidal_anomalous   ? 
_reflns_shell.pdbx_percent_possible_spherical_anomalous     ? 
_reflns_shell.pdbx_redundancy_anomalous                     ? 
_reflns_shell.pdbx_CC_half_anomalous                        ? 
_reflns_shell.pdbx_absDiff_over_sigma_anomalous             ? 
_reflns_shell.pdbx_percent_possible_anomalous               ? 
# 
_refine.aniso_B[1][1]                            ? 
_refine.aniso_B[1][2]                            ? 
_refine.aniso_B[1][3]                            ? 
_refine.aniso_B[2][2]                            ? 
_refine.aniso_B[2][3]                            ? 
_refine.aniso_B[3][3]                            ? 
_refine.B_iso_max                                ? 
_refine.B_iso_mean                               5.31 
_refine.B_iso_min                                ? 
_refine.correlation_coeff_Fo_to_Fc               ? 
_refine.correlation_coeff_Fo_to_Fc_free          ? 
_refine.details                                  ? 
_refine.diff_density_max                         ? 
_refine.diff_density_max_esd                     ? 
_refine.diff_density_min                         ? 
_refine.diff_density_min_esd                     ? 
_refine.diff_density_rms                         ? 
_refine.diff_density_rms_esd                     ? 
_refine.entry_id                                 7TML 
_refine.pdbx_refine_id                           'X-RAY DIFFRACTION' 
_refine.ls_abs_structure_details                 ? 
_refine.ls_abs_structure_Flack                   ? 
_refine.ls_abs_structure_Flack_esd               ? 
_refine.ls_abs_structure_Rogers                  ? 
_refine.ls_abs_structure_Rogers_esd              ? 
_refine.ls_d_res_high                            0.93 
_refine.ls_d_res_low                             8.78 
_refine.ls_extinction_coef                       ? 
_refine.ls_extinction_coef_esd                   ? 
_refine.ls_extinction_expression                 ? 
_refine.ls_extinction_method                     ? 
_refine.ls_goodness_of_fit_all                   ? 
_refine.ls_goodness_of_fit_all_esd               ? 
_refine.ls_goodness_of_fit_obs                   ? 
_refine.ls_goodness_of_fit_obs_esd               ? 
_refine.ls_hydrogen_treatment                    ? 
_refine.ls_matrix_type                           ? 
_refine.ls_number_constraints                    ? 
_refine.ls_number_parameters                     ? 
_refine.ls_number_reflns_all                     ? 
_refine.ls_number_reflns_obs                     6831 
_refine.ls_number_reflns_R_free                  316 
_refine.ls_number_reflns_R_work                  6515 
_refine.ls_number_restraints                     ? 
_refine.ls_percent_reflns_obs                    98.51 
_refine.ls_percent_reflns_R_free                 4.63 
_refine.ls_R_factor_all                          ? 
_refine.ls_R_factor_obs                          0.1839 
_refine.ls_R_factor_R_free                       0.2196 
_refine.ls_R_factor_R_free_error                 ? 
_refine.ls_R_factor_R_free_error_details         ? 
_refine.ls_R_factor_R_work                       0.1821 
_refine.ls_R_Fsqd_factor_obs                     ? 
_refine.ls_R_I_factor_obs                        ? 
_refine.ls_redundancy_reflns_all                 ? 
_refine.ls_redundancy_reflns_obs                 ? 
_refine.ls_restrained_S_all                      ? 
_refine.ls_restrained_S_obs                      ? 
_refine.ls_shift_over_esd_max                    ? 
_refine.ls_shift_over_esd_mean                   ? 
_refine.ls_structure_factor_coef                 ? 
_refine.ls_weighting_details                     ? 
_refine.ls_weighting_scheme                      ? 
_refine.ls_wR_factor_all                         ? 
_refine.ls_wR_factor_obs                         ? 
_refine.ls_wR_factor_R_free                      ? 
_refine.ls_wR_factor_R_work                      ? 
_refine.occupancy_max                            ? 
_refine.occupancy_min                            ? 
_refine.solvent_model_details                    'FLAT BULK SOLVENT MODEL' 
_refine.solvent_model_param_bsol                 ? 
_refine.solvent_model_param_ksol                 ? 
_refine.pdbx_R_complete                          ? 
_refine.ls_R_factor_gt                           ? 
_refine.ls_goodness_of_fit_gt                    ? 
_refine.ls_goodness_of_fit_ref                   ? 
_refine.ls_shift_over_su_max                     ? 
_refine.ls_shift_over_su_max_lt                  ? 
_refine.ls_shift_over_su_mean                    ? 
_refine.ls_shift_over_su_mean_lt                 ? 
_refine.pdbx_ls_sigma_I                          ? 
_refine.pdbx_ls_sigma_F                          1.36 
_refine.pdbx_ls_sigma_Fsqd                       ? 
_refine.pdbx_data_cutoff_high_absF               ? 
_refine.pdbx_data_cutoff_high_rms_absF           ? 
_refine.pdbx_data_cutoff_low_absF                ? 
_refine.pdbx_isotropic_thermal_model             ? 
_refine.pdbx_ls_cross_valid_method               'FREE R-VALUE' 
_refine.pdbx_method_to_determine_struct          'MOLECULAR REPLACEMENT' 
_refine.pdbx_starting_model                      7TLS 
_refine.pdbx_stereochemistry_target_values       'GeoStd + Monomer Library + CDL v1.2' 
_refine.pdbx_R_Free_selection_details            ? 
_refine.pdbx_stereochem_target_val_spec_case     ? 
_refine.pdbx_overall_ESU_R                       ? 
_refine.pdbx_overall_ESU_R_Free                  ? 
_refine.pdbx_solvent_vdw_probe_radii             1.1100 
_refine.pdbx_solvent_ion_probe_radii             ? 
_refine.pdbx_solvent_shrinkage_radii             0.9000 
_refine.pdbx_real_space_R                        ? 
_refine.pdbx_density_correlation                 ? 
_refine.pdbx_pd_number_of_powder_patterns        ? 
_refine.pdbx_pd_number_of_points                 ? 
_refine.pdbx_pd_meas_number_of_points            ? 
_refine.pdbx_pd_proc_ls_prof_R_factor            ? 
_refine.pdbx_pd_proc_ls_prof_wR_factor           ? 
_refine.pdbx_pd_Marquardt_correlation_coeff      ? 
_refine.pdbx_pd_Fsqrd_R_factor                   ? 
_refine.pdbx_pd_ls_matrix_band_width             ? 
_refine.pdbx_overall_phase_error                 21.9239 
_refine.pdbx_overall_SU_R_free_Cruickshank_DPI   ? 
_refine.pdbx_overall_SU_R_free_Blow_DPI          ? 
_refine.pdbx_overall_SU_R_Blow_DPI               ? 
_refine.pdbx_TLS_residual_ADP_flag               ? 
_refine.pdbx_diffrn_id                           1 
_refine.overall_SU_B                             ? 
_refine.overall_SU_ML                            0.0894 
_refine.overall_SU_R_Cruickshank_DPI             ? 
_refine.overall_SU_R_free                        ? 
_refine.overall_FOM_free_R_set                   ? 
_refine.overall_FOM_work_R_set                   ? 
_refine.pdbx_average_fsc_overall                 ? 
_refine.pdbx_average_fsc_work                    ? 
_refine.pdbx_average_fsc_free                    ? 
# 
_refine_hist.pdbx_refine_id                   'X-RAY DIFFRACTION' 
_refine_hist.cycle_id                         LAST 
_refine_hist.details                          ? 
_refine_hist.d_res_high                       0.93 
_refine_hist.d_res_low                        8.78 
_refine_hist.number_atoms_solvent             8 
_refine_hist.number_atoms_total               118 
_refine_hist.number_reflns_all                ? 
_refine_hist.number_reflns_obs                ? 
_refine_hist.number_reflns_R_free             ? 
_refine_hist.number_reflns_R_work             ? 
_refine_hist.R_factor_all                     ? 
_refine_hist.R_factor_obs                     ? 
_refine_hist.R_factor_R_free                  ? 
_refine_hist.R_factor_R_work                  ? 
_refine_hist.pdbx_number_residues_total       ? 
_refine_hist.pdbx_B_iso_mean_ligand           ? 
_refine_hist.pdbx_B_iso_mean_solvent          ? 
_refine_hist.pdbx_number_atoms_protein        81 
_refine_hist.pdbx_number_atoms_nucleic_acid   0 
_refine_hist.pdbx_number_atoms_ligand         29 
_refine_hist.pdbx_number_atoms_lipid          ? 
_refine_hist.pdbx_number_atoms_carb           ? 
_refine_hist.pdbx_pseudo_atom_details         ? 
# 
loop_
_refine_ls_restr.pdbx_refine_id 
_refine_ls_restr.criterion 
_refine_ls_restr.dev_ideal 
_refine_ls_restr.dev_ideal_target 
_refine_ls_restr.number 
_refine_ls_restr.rejects 
_refine_ls_restr.type 
_refine_ls_restr.weight 
_refine_ls_restr.pdbx_restraint_function 
'X-RAY DIFFRACTION' ? 0.0092  ? 165 ? f_bond_d           ? ? 
'X-RAY DIFFRACTION' ? 1.8472  ? 223 ? f_angle_d          ? ? 
'X-RAY DIFFRACTION' ? 0.0411  ? 10  ? f_chiral_restr     ? ? 
'X-RAY DIFFRACTION' ? 0.0054  ? 26  ? f_plane_restr      ? ? 
'X-RAY DIFFRACTION' ? 36.3909 ? 38  ? f_dihedral_angle_d ? ? 
# 
loop_
_refine_ls_shell.pdbx_refine_id 
_refine_ls_shell.d_res_high 
_refine_ls_shell.d_res_low 
_refine_ls_shell.number_reflns_all 
_refine_ls_shell.number_reflns_obs 
_refine_ls_shell.number_reflns_R_free 
_refine_ls_shell.number_reflns_R_work 
_refine_ls_shell.percent_reflns_obs 
_refine_ls_shell.percent_reflns_R_free 
_refine_ls_shell.R_factor_all 
_refine_ls_shell.R_factor_obs 
_refine_ls_shell.R_factor_R_free 
_refine_ls_shell.R_factor_R_free_error 
_refine_ls_shell.R_factor_R_work 
_refine_ls_shell.redundancy_reflns_all 
_refine_ls_shell.redundancy_reflns_obs 
_refine_ls_shell.wR_factor_all 
_refine_ls_shell.wR_factor_obs 
_refine_ls_shell.wR_factor_R_free 
_refine_ls_shell.wR_factor_R_work 
_refine_ls_shell.pdbx_R_complete 
_refine_ls_shell.pdbx_total_number_of_bins_used 
_refine_ls_shell.pdbx_phase_error 
_refine_ls_shell.pdbx_fsc_work 
_refine_ls_shell.pdbx_fsc_free 
'X-RAY DIFFRACTION' 0.93 1.17 . . 147 3207 97.90 . . . 0.2488 . 0.2180 . . . . . . . . . . . 
'X-RAY DIFFRACTION' 1.17 8.78 . . 169 3308 99.14 . . . 0.2083 . 0.1672 . . . . . . . . . . . 
# 
_struct.entry_id                     7TML 
_struct.title                        'Porous framework formed by assembly of a bipyridyl-conjugated helical peptide' 
_struct.pdbx_model_details           ? 
_struct.pdbx_formula_weight          ? 
_struct.pdbx_formula_weight_method   ? 
_struct.pdbx_model_type_details      ? 
_struct.pdbx_CASP_flag               N 
# 
_struct_keywords.entry_id        7TML 
_struct_keywords.text            'porous, framework, helix, 310, alpha, assembly, bipyridine, UIC-1, DE NOVO PROTEIN' 
_struct_keywords.pdbx_keywords   'DE NOVO PROTEIN' 
# 
loop_
_struct_asym.id 
_struct_asym.pdbx_blank_PDB_chainid_flag 
_struct_asym.pdbx_modified 
_struct_asym.entity_id 
_struct_asym.details 
A N N 1 ? 
B N N 2 ? 
C N N 3 ? 
D N N 4 ? 
# 
_struct_ref.id                         1 
_struct_ref.db_name                    PDB 
_struct_ref.db_code                    7TML 
_struct_ref.pdbx_db_accession          7TML 
_struct_ref.pdbx_db_isoform            ? 
_struct_ref.entity_id                  1 
_struct_ref.pdbx_seq_one_letter_code   ? 
_struct_ref.pdbx_align_begin           1 
# 
_struct_ref_seq.align_id                      1 
_struct_ref_seq.ref_id                        1 
_struct_ref_seq.pdbx_PDB_id_code              7TML 
_struct_ref_seq.pdbx_strand_id                A 
_struct_ref_seq.seq_align_beg                 2 
_struct_ref_seq.pdbx_seq_align_beg_ins_code   ? 
_struct_ref_seq.seq_align_end                 10 
_struct_ref_seq.pdbx_seq_align_end_ins_code   ? 
_struct_ref_seq.pdbx_db_accession             7TML 
_struct_ref_seq.db_align_beg                  2 
_struct_ref_seq.pdbx_db_align_beg_ins_code    ? 
_struct_ref_seq.db_align_end                  10 
_struct_ref_seq.pdbx_db_align_end_ins_code    ? 
_struct_ref_seq.pdbx_auth_seq_align_beg       2 
_struct_ref_seq.pdbx_auth_seq_align_end       10 
# 
_pdbx_struct_assembly.id                   1 
_pdbx_struct_assembly.details              software_defined_assembly 
_pdbx_struct_assembly.method_details       PISA 
_pdbx_struct_assembly.oligomeric_details   monomeric 
_pdbx_struct_assembly.oligomeric_count     1 
# 
_pdbx_struct_assembly_gen.assembly_id       1 
_pdbx_struct_assembly_gen.oper_expression   1 
_pdbx_struct_assembly_gen.asym_id_list      A,B,C,D 
# 
_pdbx_struct_assembly_auth_evidence.id                     1 
_pdbx_struct_assembly_auth_evidence.assembly_id            1 
_pdbx_struct_assembly_auth_evidence.experimental_support   none 
_pdbx_struct_assembly_auth_evidence.details                ? 
# 
_pdbx_struct_oper_list.id                   1 
_pdbx_struct_oper_list.type                 'identity operation' 
_pdbx_struct_oper_list.name                 1_555 
_pdbx_struct_oper_list.symmetry_operation   x,y,z 
_pdbx_struct_oper_list.matrix[1][1]         1.0000000000 
_pdbx_struct_oper_list.matrix[1][2]         0.0000000000 
_pdbx_struct_oper_list.matrix[1][3]         0.0000000000 
_pdbx_struct_oper_list.vector[1]            0.0000000000 
_pdbx_struct_oper_list.matrix[2][1]         0.0000000000 
_pdbx_struct_oper_list.matrix[2][2]         1.0000000000 
_pdbx_struct_oper_list.matrix[2][3]         0.0000000000 
_pdbx_struct_oper_list.vector[2]            0.0000000000 
_pdbx_struct_oper_list.matrix[3][1]         0.0000000000 
_pdbx_struct_oper_list.matrix[3][2]         0.0000000000 
_pdbx_struct_oper_list.matrix[3][3]         1.0000000000 
_pdbx_struct_oper_list.vector[3]            0.0000000000 
# 
_struct_conf.conf_type_id            HELX_P 
_struct_conf.id                      HELX_P1 
_struct_conf.pdbx_PDB_helix_id       AA1 
_struct_conf.beg_label_comp_id       LEU 
_struct_conf.beg_label_asym_id       A 
_struct_conf.beg_label_seq_id        2 
_struct_conf.pdbx_beg_PDB_ins_code   ? 
_struct_conf.end_label_comp_id       GLN 
_struct_conf.end_label_asym_id       A 
_struct_conf.end_label_seq_id        8 
_struct_conf.pdbx_end_PDB_ins_code   ? 
_struct_conf.beg_auth_comp_id        LEU 
_struct_conf.beg_auth_asym_id        A 
_struct_conf.beg_auth_seq_id         2 
_struct_conf.end_auth_comp_id        GLN 
_struct_conf.end_auth_asym_id        A 
_struct_conf.end_auth_seq_id         8 
_struct_conf.pdbx_PDB_helix_class    1 
_struct_conf.details                 ? 
_struct_conf.pdbx_PDB_helix_length   7 
# 
_struct_conf_type.id          HELX_P 
_struct_conf_type.criteria    ? 
_struct_conf_type.reference   ? 
# 
loop_
_struct_conn.id 
_struct_conn.conn_type_id 
_struct_conn.pdbx_leaving_atom_flag 
_struct_conn.pdbx_PDB_id 
_struct_conn.ptnr1_label_asym_id 
_struct_conn.ptnr1_label_comp_id 
_struct_conn.ptnr1_label_seq_id 
_struct_conn.ptnr1_label_atom_id 
_struct_conn.pdbx_ptnr1_label_alt_id 
_struct_conn.pdbx_ptnr1_PDB_ins_code 
_struct_conn.pdbx_ptnr1_standard_comp_id 
_struct_conn.ptnr1_symmetry 
_struct_conn.ptnr2_label_asym_id 
_struct_conn.ptnr2_label_comp_id 
_struct_conn.ptnr2_label_seq_id 
_struct_conn.ptnr2_label_atom_id 
_struct_conn.pdbx_ptnr2_label_alt_id 
_struct_conn.pdbx_ptnr2_PDB_ins_code 
_struct_conn.ptnr1_auth_asym_id 
_struct_conn.ptnr1_auth_comp_id 
_struct_conn.ptnr1_auth_seq_id 
_struct_conn.ptnr2_auth_asym_id 
_struct_conn.ptnr2_auth_comp_id 
_struct_conn.ptnr2_auth_seq_id 
_struct_conn.ptnr2_symmetry 
_struct_conn.pdbx_ptnr3_label_atom_id 
_struct_conn.pdbx_ptnr3_label_seq_id 
_struct_conn.pdbx_ptnr3_label_comp_id 
_struct_conn.pdbx_ptnr3_label_asym_id 
_struct_conn.pdbx_ptnr3_label_alt_id 
_struct_conn.pdbx_ptnr3_PDB_ins_code 
_struct_conn.details 
_struct_conn.pdbx_dist_value 
_struct_conn.pdbx_value_order 
_struct_conn.pdbx_role 
covale1  covale one  ? A I6W 1  C02 ? ? ? 1_555 A LEU 2  N   ? ? A I6W 1  A LEU 2  1_555 ? ? ? ? ? ? ? 1.429 ? ? 
covale2  covale both ? A LEU 2  C   ? ? ? 1_555 A AIB 3  N   ? ? A LEU 2  A AIB 3  1_555 ? ? ? ? ? ? ? 1.330 ? ? 
covale3  covale both ? A AIB 3  C   ? ? ? 1_555 A ALA 4  N   ? ? A AIB 3  A ALA 4  1_555 ? ? ? ? ? ? ? 1.334 ? ? 
covale4  covale both ? A ALA 4  C   ? ? ? 1_555 A AIB 5  N   ? ? A ALA 4  A AIB 5  1_555 ? ? ? ? ? ? ? 1.325 ? ? 
covale5  covale both ? A AIB 5  C   ? ? ? 1_555 A LEU 6  N   ? ? A AIB 5  A LEU 6  1_555 ? ? ? ? ? ? ? 1.330 ? ? 
covale6  covale both ? A LEU 6  C   ? ? ? 1_555 A AIB 7  N   ? ? A LEU 6  A AIB 7  1_555 ? ? ? ? ? ? ? 1.330 ? ? 
covale7  covale both ? A AIB 7  C   ? ? ? 1_555 A GLN 8  N   ? ? A AIB 7  A GLN 8  1_555 ? ? ? ? ? ? ? 1.327 ? ? 
covale8  covale both ? A GLN 8  C   ? ? ? 1_555 A AIB 9  N   ? ? A GLN 8  A AIB 9  1_555 ? ? ? ? ? ? ? 1.333 ? ? 
covale9  covale both ? A AIB 9  C   ? ? ? 1_555 A LEU 10 N   A ? A AIB 9  A LEU 10 1_555 ? ? ? ? ? ? ? 1.334 ? ? 
covale10 covale both ? A AIB 9  C   ? ? ? 1_555 A LEU 10 N   B ? A AIB 9  A LEU 10 1_555 ? ? ? ? ? ? ? 1.332 ? ? 
covale11 covale one  ? A LEU 10 C   A ? ? 1_555 A I77 11 N15 A ? A LEU 10 A I77 11 1_555 ? ? ? ? ? ? ? 1.427 ? ? 
covale12 covale one  ? A LEU 10 C   B ? ? 1_555 A I77 11 N15 B ? A LEU 10 A I77 11 1_555 ? ? ? ? ? ? ? 1.427 ? ? 
# 
_struct_conn_type.id          covale 
_struct_conn_type.criteria    ? 
_struct_conn_type.reference   ? 
# 
_pdbx_entry_details.entry_id                   7TML 
_pdbx_entry_details.nonpolymer_details         ? 
_pdbx_entry_details.sequence_details           ? 
_pdbx_entry_details.compound_details           ? 
_pdbx_entry_details.source_details             ? 
_pdbx_entry_details.has_ligand_of_interest     N 
_pdbx_entry_details.has_protein_modification   ? 
# 
_pdbx_validate_close_contact.id               1 
_pdbx_validate_close_contact.PDB_model_num    1 
_pdbx_validate_close_contact.auth_atom_id_1   O16 
_pdbx_validate_close_contact.auth_asym_id_1   A 
_pdbx_validate_close_contact.auth_comp_id_1   I77 
_pdbx_validate_close_contact.auth_seq_id_1    11 
_pdbx_validate_close_contact.PDB_ins_code_1   ? 
_pdbx_validate_close_contact.label_alt_id_1   A 
_pdbx_validate_close_contact.auth_atom_id_2   O 
_pdbx_validate_close_contact.auth_asym_id_2   A 
_pdbx_validate_close_contact.auth_comp_id_2   HOH 
_pdbx_validate_close_contact.auth_seq_id_2    301 
_pdbx_validate_close_contact.PDB_ins_code_2   ? 
_pdbx_validate_close_contact.label_alt_id_2   ? 
_pdbx_validate_close_contact.dist             1.95 
# 
loop_
_space_group_symop.id 
_space_group_symop.operation_xyz 
1 x,y,z       
2 -x,y+1/2,-z 
# 
loop_
_pdbx_distant_solvent_atoms.id 
_pdbx_distant_solvent_atoms.PDB_model_num 
_pdbx_distant_solvent_atoms.auth_atom_id 
_pdbx_distant_solvent_atoms.label_alt_id 
_pdbx_distant_solvent_atoms.auth_asym_id 
_pdbx_distant_solvent_atoms.auth_comp_id 
_pdbx_distant_solvent_atoms.auth_seq_id 
_pdbx_distant_solvent_atoms.PDB_ins_code 
_pdbx_distant_solvent_atoms.neighbor_macromolecule_distance 
_pdbx_distant_solvent_atoms.neighbor_ligand_distance 
1 1 O ? A HOH 307 ? 6.03 . 
2 1 O ? A HOH 308 ? 7.57 . 
# 
loop_
_chem_comp_atom.comp_id 
_chem_comp_atom.atom_id 
_chem_comp_atom.type_symbol 
_chem_comp_atom.pdbx_aromatic_flag 
_chem_comp_atom.pdbx_stereo_config 
_chem_comp_atom.pdbx_ordinal 
AIB N    N N N 1   
AIB CA   C N N 2   
AIB C    C N N 3   
AIB O    O N N 4   
AIB OXT  O N N 5   
AIB CB1  C N N 6   
AIB CB2  C N N 7   
AIB H    H N N 8   
AIB H2   H N N 9   
AIB HXT  H N N 10  
AIB HB11 H N N 11  
AIB HB12 H N N 12  
AIB HB13 H N N 13  
AIB HB21 H N N 14  
AIB HB22 H N N 15  
AIB HB23 H N N 16  
ALA N    N N N 17  
ALA CA   C N S 18  
ALA C    C N N 19  
ALA O    O N N 20  
ALA CB   C N N 21  
ALA OXT  O N N 22  
ALA H    H N N 23  
ALA H2   H N N 24  
ALA HA   H N N 25  
ALA HB1  H N N 26  
ALA HB2  H N N 27  
ALA HB3  H N N 28  
ALA HXT  H N N 29  
CCN N    N N N 30  
CCN C1   C N N 31  
CCN C2   C N N 32  
CCN H21  H N N 33  
CCN H22  H N N 34  
CCN H23  H N N 35  
GLN N    N N N 36  
GLN CA   C N S 37  
GLN C    C N N 38  
GLN O    O N N 39  
GLN CB   C N N 40  
GLN CG   C N N 41  
GLN CD   C N N 42  
GLN OE1  O N N 43  
GLN NE2  N N N 44  
GLN OXT  O N N 45  
GLN H    H N N 46  
GLN H2   H N N 47  
GLN HA   H N N 48  
GLN HB2  H N N 49  
GLN HB3  H N N 50  
GLN HG2  H N N 51  
GLN HG3  H N N 52  
GLN HE21 H N N 53  
GLN HE22 H N N 54  
GLN HXT  H N N 55  
HOH O    O N N 56  
HOH H1   H N N 57  
HOH H2   H N N 58  
I6W C05  C Y N 59  
I6W C08  C Y N 60  
I6W C09  C Y N 61  
I6W N10  N Y N 62  
I6W C02  C N N 63  
I6W C03  C Y N 64  
I6W C04  C Y N 65  
I6W C06  C Y N 66  
I6W C11  C Y N 67  
I6W C12  C Y N 68  
I6W C13  C N N 69  
I6W C15  C N N 70  
I6W C16  C N N 71  
I6W C18  C Y N 72  
I6W C19  C Y N 73  
I6W N07  N Y N 74  
I6W O01  O N N 75  
I6W O14  O N N 76  
I6W O17  O N N 77  
I6W H051 H N N 78  
I6W H1   H N N 79  
I6W H041 H N N 80  
I6W H061 H N N 81  
I6W H111 H N N 82  
I6W H152 H N N 83  
I6W H151 H N N 84  
I6W H162 H N N 85  
I6W H163 H N N 86  
I6W H161 H N N 87  
I6W H181 H N N 88  
I6W H191 H N N 89  
I77 C11  C Y N 90  
I77 C12  C Y N 91  
I77 C13  C N N 92  
I77 C17  C Y N 93  
I77 C18  C Y N 94  
I77 C02  C N N 95  
I77 C03  C Y N 96  
I77 C04  C Y N 97  
I77 C05  C Y N 98  
I77 C06  C Y N 99  
I77 C08  C Y N 100 
I77 C09  C Y N 101 
I77 N01  N N N 102 
I77 N07  N Y N 103 
I77 N10  N Y N 104 
I77 N14  N N N 105 
I77 N15  N N N 106 
I77 O16  O N N 107 
I77 O19  O N N 108 
I77 H111 H N N 109 
I77 H171 H N N 110 
I77 H181 H N N 111 
I77 H041 H N N 112 
I77 H051 H N N 113 
I77 H061 H N N 114 
I77 H011 H N N 115 
I77 H012 H N N 116 
I77 H141 H N N 117 
I77 H1   H N N 118 
I77 H2   H N N 119 
LEU N    N N N 120 
LEU CA   C N S 121 
LEU C    C N N 122 
LEU O    O N N 123 
LEU CB   C N N 124 
LEU CG   C N N 125 
LEU CD1  C N N 126 
LEU CD2  C N N 127 
LEU OXT  O N N 128 
LEU H    H N N 129 
LEU H2   H N N 130 
LEU HA   H N N 131 
LEU HB2  H N N 132 
LEU HB3  H N N 133 
LEU HG   H N N 134 
LEU HD11 H N N 135 
LEU HD12 H N N 136 
LEU HD13 H N N 137 
LEU HD21 H N N 138 
LEU HD22 H N N 139 
LEU HD23 H N N 140 
LEU HXT  H N N 141 
PIH C1   C Y N 142 
PIH C2   C Y N 143 
PIH C3   C Y N 144 
PIH C4   C Y N 145 
PIH C5   C Y N 146 
PIH C6   C Y N 147 
PIH I6   I N N 148 
PIH H1   H N N 149 
PIH H2   H N N 150 
PIH H3   H N N 151 
PIH H4   H N N 152 
PIH H5   H N N 153 
# 
loop_
_chem_comp_bond.comp_id 
_chem_comp_bond.atom_id_1 
_chem_comp_bond.atom_id_2 
_chem_comp_bond.value_order 
_chem_comp_bond.pdbx_aromatic_flag 
_chem_comp_bond.pdbx_stereo_config 
_chem_comp_bond.pdbx_ordinal 
AIB N   CA   sing N N 1   
AIB N   H    sing N N 2   
AIB N   H2   sing N N 3   
AIB CA  C    sing N N 4   
AIB CA  CB1  sing N N 5   
AIB CA  CB2  sing N N 6   
AIB C   O    doub N N 7   
AIB C   OXT  sing N N 8   
AIB OXT HXT  sing N N 9   
AIB CB1 HB11 sing N N 10  
AIB CB1 HB12 sing N N 11  
AIB CB1 HB13 sing N N 12  
AIB CB2 HB21 sing N N 13  
AIB CB2 HB22 sing N N 14  
AIB CB2 HB23 sing N N 15  
ALA N   CA   sing N N 16  
ALA N   H    sing N N 17  
ALA N   H2   sing N N 18  
ALA CA  C    sing N N 19  
ALA CA  CB   sing N N 20  
ALA CA  HA   sing N N 21  
ALA C   O    doub N N 22  
ALA C   OXT  sing N N 23  
ALA CB  HB1  sing N N 24  
ALA CB  HB2  sing N N 25  
ALA CB  HB3  sing N N 26  
ALA OXT HXT  sing N N 27  
CCN N   C1   trip N N 28  
CCN C1  C2   sing N N 29  
CCN C2  H21  sing N N 30  
CCN C2  H22  sing N N 31  
CCN C2  H23  sing N N 32  
GLN N   CA   sing N N 33  
GLN N   H    sing N N 34  
GLN N   H2   sing N N 35  
GLN CA  C    sing N N 36  
GLN CA  CB   sing N N 37  
GLN CA  HA   sing N N 38  
GLN C   O    doub N N 39  
GLN C   OXT  sing N N 40  
GLN CB  CG   sing N N 41  
GLN CB  HB2  sing N N 42  
GLN CB  HB3  sing N N 43  
GLN CG  CD   sing N N 44  
GLN CG  HG2  sing N N 45  
GLN CG  HG3  sing N N 46  
GLN CD  OE1  doub N N 47  
GLN CD  NE2  sing N N 48  
GLN NE2 HE21 sing N N 49  
GLN NE2 HE22 sing N N 50  
GLN OXT HXT  sing N N 51  
HOH O   H1   sing N N 52  
HOH O   H2   sing N N 53  
I6W O01 C02  doub N N 54  
I6W C02 C03  sing N N 55  
I6W C03 C06  doub Y N 56  
I6W C03 C04  sing Y N 57  
I6W C06 N07  sing Y N 58  
I6W C04 C05  doub Y N 59  
I6W N07 C08  doub Y N 60  
I6W C05 C08  sing Y N 61  
I6W C08 C09  sing N N 62  
I6W C09 C19  doub Y N 63  
I6W C09 N10  sing Y N 64  
I6W C19 C18  sing Y N 65  
I6W N10 C11  doub Y N 66  
I6W C18 C12  doub Y N 67  
I6W C11 C12  sing Y N 68  
I6W C12 C13  sing N N 69  
I6W C13 O17  doub N N 70  
I6W C13 O14  sing N N 71  
I6W O14 C15  sing N N 72  
I6W C15 C16  sing N N 73  
I6W C05 H051 sing N N 74  
I6W C02 H1   sing N N 75  
I6W C04 H041 sing N N 76  
I6W C06 H061 sing N N 77  
I6W C11 H111 sing N N 78  
I6W C15 H152 sing N N 79  
I6W C15 H151 sing N N 80  
I6W C16 H162 sing N N 81  
I6W C16 H163 sing N N 82  
I6W C16 H161 sing N N 83  
I6W C18 H181 sing N N 84  
I6W C19 H191 sing N N 85  
I77 N15 N14  sing N N 86  
I77 O16 C13  doub N N 87  
I77 N14 C13  sing N N 88  
I77 C13 C12  sing N N 89  
I77 C12 C17  doub Y N 90  
I77 C12 C11  sing Y N 91  
I77 C17 C18  sing Y N 92  
I77 C11 N10  doub Y N 93  
I77 C18 C09  doub Y N 94  
I77 N10 C09  sing Y N 95  
I77 C09 C08  sing N N 96  
I77 C08 N07  doub Y N 97  
I77 C08 C05  sing Y N 98  
I77 N07 C06  sing Y N 99  
I77 C05 C04  doub Y N 100 
I77 C06 C03  doub Y N 101 
I77 C04 C03  sing Y N 102 
I77 C03 C02  sing N N 103 
I77 C02 N01  sing N N 104 
I77 C02 O19  doub N N 105 
I77 C11 H111 sing N N 106 
I77 C17 H171 sing N N 107 
I77 C18 H181 sing N N 108 
I77 C04 H041 sing N N 109 
I77 C05 H051 sing N N 110 
I77 C06 H061 sing N N 111 
I77 N01 H011 sing N N 112 
I77 N01 H012 sing N N 113 
I77 N14 H141 sing N N 114 
I77 N15 H1   sing N N 115 
I77 N15 H2   sing N N 116 
LEU N   CA   sing N N 117 
LEU N   H    sing N N 118 
LEU N   H2   sing N N 119 
LEU CA  C    sing N N 120 
LEU CA  CB   sing N N 121 
LEU CA  HA   sing N N 122 
LEU C   O    doub N N 123 
LEU C   OXT  sing N N 124 
LEU CB  CG   sing N N 125 
LEU CB  HB2  sing N N 126 
LEU CB  HB3  sing N N 127 
LEU CG  CD1  sing N N 128 
LEU CG  CD2  sing N N 129 
LEU CG  HG   sing N N 130 
LEU CD1 HD11 sing N N 131 
LEU CD1 HD12 sing N N 132 
LEU CD1 HD13 sing N N 133 
LEU CD2 HD21 sing N N 134 
LEU CD2 HD22 sing N N 135 
LEU CD2 HD23 sing N N 136 
LEU OXT HXT  sing N N 137 
PIH C1  C2   doub Y N 138 
PIH C1  C6   sing Y N 139 
PIH C1  H1   sing N N 140 
PIH C2  C3   sing Y N 141 
PIH C2  H2   sing N N 142 
PIH C3  C4   doub Y N 143 
PIH C3  H3   sing N N 144 
PIH C4  C5   sing Y N 145 
PIH C4  H4   sing N N 146 
PIH C5  C6   doub Y N 147 
PIH C5  H5   sing N N 148 
PIH C6  I6   sing N N 149 
# 
_pdbx_audit_support.funding_organization   'Department of Energy (DOE, United States)' 
_pdbx_audit_support.country                ? 
_pdbx_audit_support.grant_number           DE-AC02-06CH11357 
_pdbx_audit_support.ordinal                1 
# 
_pdbx_initial_refinement_model.id               1 
_pdbx_initial_refinement_model.entity_id_list   ? 
_pdbx_initial_refinement_model.type             'experimental model' 
_pdbx_initial_refinement_model.source_name      PDB 
_pdbx_initial_refinement_model.accession_code   7TLS 
_pdbx_initial_refinement_model.details          ? 
# 
_space_group.name_H-M_alt     'P 1 21 1' 
_space_group.name_Hall        'P 2yb' 
_space_group.IT_number        4 
_space_group.crystal_system   monoclinic 
_space_group.id               1 
# 
_atom_sites.entry_id                    7TML 
_atom_sites.Cartn_transf_matrix[1][1]   ? 
_atom_sites.Cartn_transf_matrix[1][2]   ? 
_atom_sites.Cartn_transf_matrix[1][3]   ? 
_atom_sites.Cartn_transf_matrix[2][1]   ? 
_atom_sites.Cartn_transf_matrix[2][2]   ? 
_atom_sites.Cartn_transf_matrix[2][3]   ? 
_atom_sites.Cartn_transf_matrix[3][1]   ? 
_atom_sites.Cartn_transf_matrix[3][2]   ? 
_atom_sites.Cartn_transf_matrix[3][3]   ? 
_atom_sites.Cartn_transf_vector[1]      ? 
_atom_sites.Cartn_transf_vector[2]      ? 
_atom_sites.Cartn_transf_vector[3]      ? 
_atom_sites.fract_transf_matrix[1][1]   0.00157019 
_atom_sites.fract_transf_matrix[1][2]   0.05882692 
_atom_sites.fract_transf_matrix[1][3]   0.04374647 
_atom_sites.fract_transf_matrix[2][1]   0.03693855 
_atom_sites.fract_transf_matrix[2][2]   -0.03934911 
_atom_sites.fract_transf_matrix[2][3]   0.05158785 
_atom_sites.fract_transf_matrix[3][1]   0.03143068 
_atom_sites.fract_transf_matrix[3][2]   0.01399628 
_atom_sites.fract_transf_matrix[3][3]   -0.01182959 
_atom_sites.fract_transf_vector[1]      -0.347326 
_atom_sites.fract_transf_vector[2]      0.139398 
_atom_sites.fract_transf_vector[3]      -0.168300 
_atom_sites.solution_primary            ? 
_atom_sites.solution_secondary          ? 
_atom_sites.solution_hydrogens          ? 
_atom_sites.special_details             ? 
# 
loop_
_atom_type.symbol 
_atom_type.scat_dispersion_real 
_atom_type.scat_dispersion_imag 
_atom_type.scat_Cromer_Mann_a1 
_atom_type.scat_Cromer_Mann_a2 
_atom_type.scat_Cromer_Mann_a3 
_atom_type.scat_Cromer_Mann_a4 
_atom_type.scat_Cromer_Mann_b1 
_atom_type.scat_Cromer_Mann_b2 
_atom_type.scat_Cromer_Mann_b3 
_atom_type.scat_Cromer_Mann_b4 
_atom_type.scat_Cromer_Mann_c 
_atom_type.scat_source 
_atom_type.scat_dispersion_source 
C ? ? 2.51340  1.74867  1.72398 ? 31.80534 0.44561  10.58317 ? 0.0 
;3-Gaussian fit: Grosse-Kunstleve RW, Sauter NK, Adams PD: Newsletter of the IUCr Commission on Crystallographic Computing 2004, 3, 22-31.
;
? 
H ? ? 0.53795  0.34799  0.11320 ? 10.08003 29.74760 2.57510  ? 0.0 
;3-Gaussian fit: Grosse-Kunstleve RW, Sauter NK, Adams PD: Newsletter of the IUCr Commission on Crystallographic Computing 2004, 3, 22-31.
;
? 
I ? ? 40.26819 12.56501 ?       ? 1.42647  27.02115 ?        ? 0.0 
;2-Gaussian fit: Grosse-Kunstleve RW, Sauter NK, Adams PD: Newsletter of the IUCr Commission on Crystallographic Computing 2004, 3, 22-31.
;
? 
N ? ? 2.99955  2.25584  1.72788 ? 23.27268 7.45433  0.31622  ? 0.0 
;3-Gaussian fit: Grosse-Kunstleve RW, Sauter NK, Adams PD: Newsletter of the IUCr Commission on Crystallographic Computing 2004, 3, 22-31.
;
? 
O ? ? 4.49882  3.47563  ?       ? 15.80542 1.70748  ?        ? 0.0 
;2-Gaussian fit: Grosse-Kunstleve RW, Sauter NK, Adams PD: Newsletter of the IUCr Commission on Crystallographic Computing 2004, 3, 22-31.
;
? 
# 
loop_
_atom_site.group_PDB 
_atom_site.id 
_atom_site.type_symbol 
_atom_site.label_atom_id 
_atom_site.label_alt_id 
_atom_site.label_comp_id 
_atom_site.label_asym_id 
_atom_site.label_entity_id 
_atom_site.label_seq_id 
_atom_site.pdbx_PDB_ins_code 
_atom_site.Cartn_x 
_atom_site.Cartn_y 
_atom_site.Cartn_z 
_atom_site.occupancy 
_atom_site.B_iso_or_equiv 
_atom_site.pdbx_formal_charge 
_atom_site.auth_seq_id 
_atom_site.auth_comp_id 
_atom_site.auth_asym_id 
_atom_site.auth_atom_id 
_atom_site.pdbx_PDB_model_num 
HETATM 1   C C05  A I6W A 1 1  ? -2.62769  -8.87633  2.81886  0.310 3.46621  ? 1   I6W A C05  1 
HETATM 2   C C05  B I6W A 1 1  ? -2.25157  -9.63943  2.15563  0.690 7.24297  ? 1   I6W A C05  1 
HETATM 3   C C08  A I6W A 1 1  ? -2.82797  -10.04646 2.14789  0.310 3.34777  ? 1   I6W A C08  1 
HETATM 4   C C08  B I6W A 1 1  ? -2.19269  -10.64677 1.25249  0.690 7.07716  ? 1   I6W A C08  1 
HETATM 5   C C09  A I6W A 1 1  ? -4.10221  -10.84438 2.40391  0.310 3.48200  ? 1   I6W A C09  1 
HETATM 6   C C09  B I6W A 1 1  ? -3.31449  -11.63587 1.29984  0.690 7.28508  ? 1   I6W A C09  1 
HETATM 7   N N10  A I6W A 1 1  ? -4.96869  -10.45774 3.31491  0.310 4.63740  ? 1   I6W A N10  1 
HETATM 8   N N10  B I6W A 1 1  ? -4.28074  -11.44452 2.16371  0.690 8.15098  ? 1   I6W A N10  1 
HETATM 9   C C02  . I6W A 1 1  ? 0.75014   -7.73316  1.28666  1.000 6.29812  ? 1   I6W A C02  1 
HETATM 10  C C03  A I6W A 1 1  ? -0.54776  -8.55994  1.60563  0.310 4.78215  ? 1   I6W A C03  1 
HETATM 11  C C03  B I6W A 1 1  ? -0.27452  -8.83629  1.22959  0.690 6.71133  ? 1   I6W A C03  1 
HETATM 12  C C04  A I6W A 1 1  ? -1.46454  -8.11479  2.55676  0.310 4.03469  ? 1   I6W A C04  1 
HETATM 13  C C04  B I6W A 1 1  ? -1.26124  -8.67788  2.15390  0.690 6.88504  ? 1   I6W A C04  1 
HETATM 14  C C06  A I6W A 1 1  ? -0.82921  -9.74926  0.96078  0.310 4.07417  ? 1   I6W A C06  1 
HETATM 15  C C06  B I6W A 1 1  ? -0.24116  -9.88117  0.32187  0.690 7.01926  ? 1   I6W A C06  1 
HETATM 16  C C11  A I6W A 1 1  ? -6.09519  -11.11519 3.53610  0.310 4.67688  ? 1   I6W A C11  1 
HETATM 17  C C11  B I6W A 1 1  ? -5.30060  -12.26819 2.24400  0.690 8.23783  ? 1   I6W A C11  1 
HETATM 18  C C12  A I6W A 1 1  ? -6.40318  -12.24696 2.79350  0.310 4.45580  ? 1   I6W A C12  1 
HETATM 19  C C12  B I6W A 1 1  ? -5.36102  -13.34945 1.39159  0.690 8.50365  ? 1   I6W A C12  1 
HETATM 20  C C13  A I6W A 1 1  ? -7.74502  -13.01979 3.02878  0.310 5.69279  ? 1   I6W A C13  1 
HETATM 21  C C13  B I6W A 1 1  ? -6.56425  -14.32468 1.47890  0.690 9.00634  ? 1   I6W A C13  1 
HETATM 22  C C15  A I6W A 1 1  ? -7.42418  -15.24857 2.02237  0.310 7.92727  ? 1   I6W A C15  1 
HETATM 23  C C15  B I6W A 1 1  ? -8.70863  -15.00403 2.35288  0.690 10.74866 ? 1   I6W A C15  1 
HETATM 24  C C16  A I6W A 1 1  ? -8.31630  -16.43823 1.60612  0.310 7.69829  ? 1   I6W A C16  1 
HETATM 25  C C16  B I6W A 1 1  ? -9.86277  -14.28932 3.08765  0.690 11.85405 ? 1   I6W A C16  1 
HETATM 26  C C18  A I6W A 1 1  ? -5.52704  -12.66245 1.82175  0.310 3.48989  ? 1   I6W A C18  1 
HETATM 27  C C18  B I6W A 1 1  ? -4.37402  -13.57170 0.46325  0.690 8.59577  ? 1   I6W A C18  1 
HETATM 28  C C19  A I6W A 1 1  ? -4.35600  -11.94192 1.61822  0.310 3.29776  ? 1   I6W A C19  1 
HETATM 29  C C19  B I6W A 1 1  ? -3.31366  -12.67406 0.40894  0.690 7.79567  ? 1   I6W A C19  1 
HETATM 30  N N07  A I6W A 1 1  ? -1.94239  -10.43783 1.22974  0.310 3.83993  ? 1   I6W A N07  1 
HETATM 31  N N07  B I6W A 1 1  ? -1.21927  -10.77515 0.35915  0.690 7.46142  ? 1   I6W A N07  1 
HETATM 32  O O01  A I6W A 1 1  ? 0.79388   -6.61694  1.73626  0.310 6.47183  ? 1   I6W A O01  1 
HETATM 33  O O01  B I6W A 1 1  ? 0.43931   -6.60156  1.59665  0.690 6.41919  ? 1   I6W A O01  1 
HETATM 34  O O14  A I6W A 1 1  ? -8.18763  -14.03497 2.11259  0.310 7.38246  ? 1   I6W A O14  1 
HETATM 35  O O14  B I6W A 1 1  ? -7.58517  -14.10272 2.44288  0.690 9.15373  ? 1   I6W A O14  1 
HETATM 36  O O17  A I6W A 1 1  ? -8.43369  -12.70551 3.92371  0.310 5.66910  ? 1   I6W A O17  1 
HETATM 37  O O17  B I6W A 1 1  ? -6.60853  -15.23036 0.73874  0.690 9.54325  ? 1   I6W A O17  1 
HETATM 38  H H051 A I6W A 1 1  ? -3.34358  -8.53804  3.53450  0.310 4.17000  ? 1   I6W A H051 1 
HETATM 39  H H051 B I6W A 1 1  ? -3.05355  -9.59088  2.85953  0.690 8.70000  ? 1   I6W A H051 1 
HETATM 40  H H041 A I6W A 1 1  ? -1.27971  -7.15897  3.11149  0.310 4.85000  ? 1   I6W A H041 1 
HETATM 41  H H041 B I6W A 1 1  ? -1.26873  -7.81774  2.87179  0.690 8.27000  ? 1   I6W A H041 1 
HETATM 42  H H061 A I6W A 1 1  ? -0.13223  -10.13286 0.22122  0.310 4.90000  ? 1   I6W A H061 1 
HETATM 43  H H061 B I6W A 1 1  ? 0.56451   -9.96451  -0.40107 0.690 8.43000  ? 1   I6W A H061 1 
HETATM 44  H H111 A I6W A 1 1  ? -6.76825  -10.77547 4.28730  0.310 5.62000  ? 1   I6W A H111 1 
HETATM 45  H H111 B I6W A 1 1  ? -6.07228  -12.10336 2.95990  0.690 9.89000  ? 1   I6W A H111 1 
HETATM 46  H H152 A I6W A 1 1  ? -6.98286  -15.45963 2.98828  0.310 9.52000  ? 1   I6W A H152 1 
HETATM 47  H H152 B I6W A 1 1  ? -8.47933  -15.94582 2.83508  0.690 12.91000 ? 1   I6W A H152 1 
HETATM 48  H H151 A I6W A 1 1  ? -6.64148  -15.11880 1.28449  0.310 9.52000  ? 1   I6W A H151 1 
HETATM 49  H H151 B I6W A 1 1  ? -8.97065  -15.17942 1.31694  0.690 12.91000 ? 1   I6W A H151 1 
HETATM 50  H H162 A I6W A 1 1  ? -8.37935  -16.48352 0.50234  0.310 9.25000  ? 1   I6W A H162 1 
HETATM 51  H H162 B I6W A 1 1  ? -9.69835  -13.19624 3.05545  0.690 14.23000 ? 1   I6W A H162 1 
HETATM 52  H H163 A I6W A 1 1  ? -7.87834  -17.37889 1.98897  0.310 9.25000  ? 1   I6W A H163 1 
HETATM 53  H H163 B I6W A 1 1  ? -9.89384  -14.62677 4.14054  0.690 14.23000 ? 1   I6W A H163 1 
HETATM 54  H H161 A I6W A 1 1  ? -9.32942  -16.30419 2.02855  0.310 9.25000  ? 1   I6W A H161 1 
HETATM 55  H H161 B I6W A 1 1  ? -10.82157 -14.53243 2.59305  0.690 14.23000 ? 1   I6W A H161 1 
HETATM 56  H H181 A I6W A 1 1  ? -5.74523  -13.54346 1.21770  0.310 4.20000  ? 1   I6W A H181 1 
HETATM 57  H H181 B I6W A 1 1  ? -4.42003  -14.42687 -0.21253 0.690 10.32000 ? 1   I6W A H181 1 
HETATM 58  H H191 A I6W A 1 1  ? -3.65025  -12.24399 0.84774  0.310 3.96000  ? 1   I6W A H191 1 
HETATM 59  H H191 B I6W A 1 1  ? -2.51125  -12.79320 -0.31582 0.690 9.36000  ? 1   I6W A H191 1 
ATOM   60  N N    . LEU A 1 2  ? 1.88346   -8.10818  0.50173  1.000 6.32444  ? 2   LEU A N    1 
ATOM   61  C CA   . LEU A 1 2  ? 2.88282   -7.06318  0.32129  1.000 5.63752  ? 2   LEU A CA   1 
ATOM   62  C C    . LEU A 1 2  ? 2.31268   -5.85853  -0.43565 1.000 3.93995  ? 2   LEU A C    1 
ATOM   63  O O    . LEU A 1 2  ? 2.57192   -4.70785  -0.06777 1.000 3.90047  ? 2   LEU A O    1 
ATOM   64  C CB   . LEU A 1 2  ? 4.12399   -7.60515  -0.42074 1.000 6.87977  ? 2   LEU A CB   1 
ATOM   65  C CG   . LEU A 1 2  ? 5.22688   -6.58955  -0.77300 1.000 7.98254  ? 2   LEU A CG   1 
ATOM   66  C CD1  . LEU A 1 2  ? 5.75383   -5.86600  0.44359  1.000 8.64577  ? 2   LEU A CD1  1 
ATOM   67  C CD2  . LEU A 1 2  ? 6.37847   -7.26358  -1.51254 1.000 8.08255  ? 2   LEU A CD2  1 
ATOM   68  H HA   . LEU A 1 2  ? 3.16259   -6.75992  1.19891  1.000 6.78000  ? 2   LEU A HA   1 
ATOM   69  H HB2  . LEU A 1 2  ? 4.53291   -8.28437  0.13891  1.000 8.26000  ? 2   LEU A HB2  1 
ATOM   70  H HB3  . LEU A 1 2  ? 3.82453   -7.99918  -1.25509 1.000 8.26000  ? 2   LEU A HB3  1 
ATOM   71  H HG   . LEU A 1 2  ? 4.82603   -5.92688  -1.35540 1.000 9.59000  ? 2   LEU A HG   1 
ATOM   72  H HD11 . LEU A 1 2  ? 6.32529   -5.13702  0.15483  1.000 10.38000 ? 2   LEU A HD11 1 
ATOM   73  H HD12 . LEU A 1 2  ? 5.00497   -5.51667  0.95247  1.000 10.38000 ? 2   LEU A HD12 1 
ATOM   74  H HD13 . LEU A 1 2  ? 6.26079   -6.48841  0.98651  1.000 10.38000 ? 2   LEU A HD13 1 
ATOM   75  H HD21 . LEU A 1 2  ? 6.96568   -6.58046  -1.87217 1.000 9.71000  ? 2   LEU A HD21 1 
ATOM   76  H HD22 . LEU A 1 2  ? 6.86756   -7.82602  -0.89082 1.000 9.71000  ? 2   LEU A HD22 1 
ATOM   77  H HD23 . LEU A 1 2  ? 6.01825   -7.80444  -2.23302 1.000 9.71000  ? 2   LEU A HD23 1 
HETATM 78  N N    . AIB A 1 3  ? 1.53888   -6.11196  -1.48739 1.000 4.11102  ? 3   AIB A N    1 
HETATM 79  C CA   . AIB A 1 3  ? 0.97374   -5.03519  -2.27164 1.000 3.41883  ? 3   AIB A CA   1 
HETATM 80  C C    . AIB A 1 3  ? 0.20672   -4.05171  -1.37749 1.000 3.25302  ? 3   AIB A C    1 
HETATM 81  O O    . AIB A 1 3  ? 0.37863   -2.83115  -1.42347 1.000 3.52147  ? 3   AIB A O    1 
HETATM 82  C CB1  . AIB A 1 3  ? 2.07547   -4.23099  -2.99705 1.000 4.10576  ? 3   AIB A CB1  1 
HETATM 83  C CB2  . AIB A 1 3  ? -0.00221  -5.55895  -3.32839 1.000 3.51884  ? 3   AIB A CB2  1 
HETATM 84  H H    . AIB A 1 3  ? 1.55544   -6.96353  -2.01420 1.000 4.94000  ? 3   AIB A H    1 
HETATM 85  H HB11 . AIB A 1 3  ? 1.61355   -3.38640  -3.56339 1.000 4.93000  ? 3   AIB A HB11 1 
HETATM 86  H HB12 . AIB A 1 3  ? 2.79682   -3.82090  -2.24993 1.000 4.93000  ? 3   AIB A HB12 1 
HETATM 87  H HB13 . AIB A 1 3  ? 2.62122   -4.89542  -3.70793 1.000 4.93000  ? 3   AIB A HB13 1 
HETATM 88  H HB21 . AIB A 1 3  ? -0.43277  -4.69353  -3.88827 1.000 4.23000  ? 3   AIB A HB21 1 
HETATM 89  H HB22 . AIB A 1 3  ? 0.54735   -6.23070  -4.03166 1.000 4.23000  ? 3   AIB A HB22 1 
HETATM 90  H HB23 . AIB A 1 3  ? -0.81967  -6.12762  -2.82080 1.000 4.23000  ? 3   AIB A HB23 1 
ATOM   91  N N    . ALA A 1 4  ? -0.66436  -4.60982  -0.53545 1.000 3.82414  ? 4   ALA A N    1 
ATOM   92  C CA   . ALA A 1 4  ? -1.48578  -3.80190  0.36938  1.000 4.62687  ? 4   ALA A CA   1 
ATOM   93  C C    . ALA A 1 4  ? -0.62124  -2.96810  1.31546  1.000 3.60833  ? 4   ALA A C    1 
ATOM   94  O O    . ALA A 1 4  ? -0.88557  -1.78232  1.56400  1.000 4.02943  ? 4   ALA A O    1 
ATOM   95  C CB   . ALA A 1 4  ? -2.42622  -4.69519  1.17185  1.000 5.91387  ? 4   ALA A CB   1 
ATOM   96  H H    . ALA A 1 4  ? -0.80005  -5.45652  -0.46760 1.000 4.60000  ? 4   ALA A H    1 
ATOM   97  H HA   . ALA A 1 4  ? -2.02048  -3.19105  -0.16249 1.000 5.56000  ? 4   ALA A HA   1 
ATOM   98  H HB1  . ALA A 1 4  ? -3.16941  -4.96024  0.60599  1.000 7.10000  ? 4   ALA A HB1  1 
ATOM   99  H HB2  . ALA A 1 4  ? -1.93972  -5.48046  1.46771  1.000 7.10000  ? 4   ALA A HB2  1 
ATOM   100 H HB3  . ALA A 1 4  ? -2.75469  -4.20077  1.93903  1.000 7.10000  ? 4   ALA A HB3  1 
HETATM 101 N N    . AIB A 1 5  ? 0.39475   -3.62811  1.85307  1.000 3.38198  ? 5   AIB A N    1 
HETATM 102 C CA   . AIB A 1 5  ? 1.30330   -3.03132  2.78947  1.000 3.62938  ? 5   AIB A CA   1 
HETATM 103 C C    . AIB A 1 5  ? 1.95352   -1.75154  2.24213  1.000 3.21618  ? 5   AIB A C    1 
HETATM 104 O O    . AIB A 1 5  ? 2.25997   -0.78522  2.94791  1.000 3.67412  ? 5   AIB A O    1 
HETATM 105 C CB1  . AIB A 1 5  ? 0.58097   -2.71380  4.10317  1.000 4.36894  ? 5   AIB A CB1  1 
HETATM 106 C CB2  . AIB A 1 5  ? 2.46286   -4.00532  3.10636  1.000 3.53463  ? 5   AIB A CB2  1 
HETATM 107 H H    . AIB A 1 5  ? 0.82529   -4.42774  1.43272  1.000 4.07000  ? 5   AIB A H    1 
HETATM 108 H HB11 . AIB A 1 5  ? 1.27864   -2.18950  4.79951  1.000 5.25000  ? 5   AIB A HB11 1 
HETATM 109 H HB12 . AIB A 1 5  ? -0.29818  -2.05704  3.90071  1.000 5.25000  ? 5   AIB A HB12 1 
HETATM 110 H HB13 . AIB A 1 5  ? 0.23013   -3.66115  4.57828  1.000 5.25000  ? 5   AIB A HB13 1 
HETATM 111 H HB21 . AIB A 1 5  ? 3.05385   -3.60280  3.96566  1.000 4.25000  ? 5   AIB A HB21 1 
HETATM 112 H HB22 . AIB A 1 5  ? 2.03864   -5.00382  3.37212  1.000 4.25000  ? 5   AIB A HB22 1 
HETATM 113 H HB23 . AIB A 1 5  ? 3.11798   -4.09778  2.20639  1.000 4.25000  ? 5   AIB A HB23 1 
ATOM   114 N N    . LEU A 1 6  ? 2.20314   -1.76253  0.93629  1.000 2.93456  ? 6   LEU A N    1 
ATOM   115 C CA   . LEU A 1 6  ? 2.74707   -0.58488  0.26558  1.000 3.43199  ? 6   LEU A CA   1 
ATOM   116 C C    . LEU A 1 6  ? 1.65143   0.38584   -0.18062 1.000 3.41357  ? 6   LEU A C    1 
ATOM   117 O O    . LEU A 1 6  ? 1.78387   1.59949   -0.01980 1.000 3.50832  ? 6   LEU A O    1 
ATOM   118 C CB   . LEU A 1 6  ? 3.58592   -1.01619  -0.93468 1.000 3.88994  ? 6   LEU A CB   1 
ATOM   119 C CG   . LEU A 1 6  ? 4.82242   -1.86043  -0.65351 1.000 5.24273  ? 6   LEU A CG   1 
ATOM   120 C CD1  . LEU A 1 6  ? 5.55468   -2.16422  -1.92766 1.000 6.26654  ? 6   LEU A CD1  1 
ATOM   121 C CD2  . LEU A 1 6  ? 5.74036   -1.13416  0.30112  1.000 6.71923  ? 6   LEU A CD2  1 
ATOM   122 H H    . LEU A 1 6  ? 2.06740   -2.43613  0.41838  1.000 3.53000  ? 6   LEU A H    1 
ATOM   123 H HA   . LEU A 1 6  ? 3.31180   -0.10456  0.89187  1.000 4.13000  ? 6   LEU A HA   1 
ATOM   124 H HB2  . LEU A 1 6  ? 3.01725   -1.53670  -1.52368 1.000 4.68000  ? 6   LEU A HB2  1 
ATOM   125 H HB3  . LEU A 1 6  ? 3.88934   -0.21517  -1.38904 1.000 4.68000  ? 6   LEU A HB3  1 
ATOM   126 H HG   . LEU A 1 6  ? 4.54738   -2.69851  -0.25064 1.000 6.30000  ? 6   LEU A HG   1 
ATOM   127 H HD11 . LEU A 1 6  ? 6.33196   -2.70809  -1.72390 1.000 7.53000  ? 6   LEU A HD11 1 
ATOM   128 H HD12 . LEU A 1 6  ? 4.96166   -2.64563  -2.52584 1.000 7.53000  ? 6   LEU A HD12 1 
ATOM   129 H HD13 . LEU A 1 6  ? 5.83304   -1.33036  -2.33902 1.000 7.53000  ? 6   LEU A HD13 1 
ATOM   130 H HD21 . LEU A 1 6  ? 6.53217   -1.67410  0.44972  1.000 8.07000  ? 6   LEU A HD21 1 
ATOM   131 H HD22 . LEU A 1 6  ? 5.98965   -0.28093  -0.08768 1.000 8.07000  ? 6   LEU A HD22 1 
ATOM   132 H HD23 . LEU A 1 6  ? 5.27477   -0.99118  1.14010  1.000 8.07000  ? 6   LEU A HD23 1 
HETATM 133 N N    . AIB A 1 7  ? 0.58361   -0.16522  -0.75101 1.000 3.23197  ? 7   AIB A N    1 
HETATM 134 C CA   . AIB A 1 7  ? -0.51393  0.58323   -1.31762 1.000 3.22670  ? 7   AIB A CA   1 
HETATM 135 C C    . AIB A 1 7  ? -1.21794  1.51730   -0.32683 1.000 3.32935  ? 7   AIB A C    1 
HETATM 136 O O    . AIB A 1 7  ? -1.91026  2.46878   -0.69299 1.000 3.83204  ? 7   AIB A O    1 
HETATM 137 C CB1  . AIB A 1 7  ? -0.02310  1.42649   -2.50351 1.000 4.06365  ? 7   AIB A CB1  1 
HETATM 138 C CB2  . AIB A 1 7  ? -1.56750  -0.43471  -1.82740 1.000 3.87152  ? 7   AIB A CB2  1 
HETATM 139 H H    . AIB A 1 7  ? 0.58728   -1.07990  -1.15608 1.000 3.89000  ? 7   AIB A H    1 
HETATM 140 H HB11 . AIB A 1 7  ? -0.87127  2.02066   -2.91917 1.000 4.89000  ? 7   AIB A HB11 1 
HETATM 141 H HB12 . AIB A 1 7  ? 0.78116   2.12253   -2.16351 1.000 4.89000  ? 7   AIB A HB12 1 
HETATM 142 H HB13 . AIB A 1 7  ? 0.38163   0.75744   -3.29929 1.000 4.89000  ? 7   AIB A HB13 1 
HETATM 143 H HB21 . AIB A 1 7  ? -2.42017  0.12158   -2.28754 1.000 4.66000  ? 7   AIB A HB21 1 
HETATM 144 H HB22 . AIB A 1 7  ? -1.09307  -1.10092  -2.58843 1.000 4.66000  ? 7   AIB A HB22 1 
HETATM 145 H HB23 . AIB A 1 7  ? -1.93352  -1.04378  -0.96472 1.000 4.66000  ? 7   AIB A HB23 1 
ATOM   146 N N    . GLN A 1 8  ? -1.05103  1.22744   0.95781  1.000 3.38725  ? 8   GLN A N    1 
ATOM   147 C CA   . GLN A 1 8  ? -1.64317  2.05962   1.97458  1.000 2.84245  ? 8   GLN A CA   1 
ATOM   148 C C    . GLN A 1 8  ? -1.20381  3.53142   1.82309  1.000 2.89245  ? 8   GLN A C    1 
ATOM   149 O O    . GLN A 1 8  ? -1.92031  4.42936   2.26124  1.000 2.30028  ? 8   GLN A O    1 
ATOM   150 C CB   . GLN A 1 8  ? -1.30642  1.53935   3.36710  1.000 2.86613  ? 8   GLN A CB   1 
ATOM   151 C CG   . GLN A 1 8  ? 0.15462   1.67713   3.74593  1.000 2.71612  ? 8   GLN A CG   1 
ATOM   152 C CD   . GLN A 1 8  ? 0.40193   1.25984   5.18261  1.000 2.56083  ? 8   GLN A CD   1 
ATOM   153 O OE1  . GLN A 1 8  ? -0.25450  1.73425   6.11581  1.000 2.91614  ? 8   GLN A OE1  1 
ATOM   154 N NE2  . GLN A 1 8  ? 1.36220   0.37353   5.36899  1.000 3.42936  ? 8   GLN A NE2  1 
ATOM   155 H H    . GLN A 1 8  ? -0.60067  0.55876   1.25559  1.000 4.07000  ? 8   GLN A H    1 
ATOM   156 H HA   . GLN A 1 8  ? -2.60789  2.03098   1.87792  1.000 3.42000  ? 8   GLN A HA   1 
ATOM   157 H HB2  . GLN A 1 8  ? -1.82726  2.03485   4.01813  1.000 3.45000  ? 8   GLN A HB2  1 
ATOM   158 H HB3  . GLN A 1 8  ? -1.53419  0.59657   3.40879  1.000 3.45000  ? 8   GLN A HB3  1 
ATOM   159 H HG2  . GLN A 1 8  ? 0.69029   1.11164   3.16838  1.000 3.27000  ? 8   GLN A HG2  1 
ATOM   160 H HG3  . GLN A 1 8  ? 0.42487   2.60312   3.64654  1.000 3.27000  ? 8   GLN A HG3  1 
ATOM   161 H HE21 . GLN A 1 8  ? 1.80445   0.07005   4.69638  1.000 4.12000  ? 8   GLN A HE21 1 
ATOM   162 H HE22 . GLN A 1 8  ? 1.54665   0.10009   6.16298  1.000 4.12000  ? 8   GLN A HE22 1 
HETATM 163 N N    . AIB A 1 9  ? -0.04499  3.76087   1.20599  1.000 2.52925  ? 9   AIB A N    1 
HETATM 164 C CA   . AIB A 1 9  ? 0.45017   5.10259   0.94428  1.000 2.87666  ? 9   AIB A CA   1 
HETATM 165 C C    . AIB A 1 9  ? -0.55157  5.95081   0.12899  1.000 3.50832  ? 9   AIB A C    1 
HETATM 166 O O    . AIB A 1 9  ? -0.58168  7.17500   0.20873  1.000 4.23998  ? 9   AIB A O    1 
HETATM 167 C CB1  . AIB A 1 9  ? 0.81566   5.84124   2.23879  1.000 3.14511  ? 9   AIB A CB1  1 
HETATM 168 C CB2  . AIB A 1 9  ? 1.72470   5.00263   0.09725  1.000 3.57148  ? 9   AIB A CB2  1 
HETATM 169 H H    . AIB A 1 9  ? 0.39670   3.11110   0.58659  1.000 3.04000  ? 9   AIB A H    1 
HETATM 170 H HB11 . AIB A 1 9  ? 1.06949   6.90291   2.00718  1.000 3.78000  ? 9   AIB A HB11 1 
HETATM 171 H HB12 . AIB A 1 9  ? -0.04893  5.81599   2.94426  1.000 3.78000  ? 9   AIB A HB12 1 
HETATM 172 H HB13 . AIB A 1 9  ? 1.69568   5.34875   2.71788  1.000 3.78000  ? 9   AIB A HB13 1 
HETATM 173 H HB21 . AIB A 1 9  ? 2.18268   6.01728   0.00488  1.000 4.30000  ? 9   AIB A HB21 1 
HETATM 174 H HB22 . AIB A 1 9  ? 2.44157   4.30686   0.59745  1.000 4.30000  ? 9   AIB A HB22 1 
HETATM 175 H HB23 . AIB A 1 9  ? 1.46101   4.61170   -0.91520 1.000 4.30000  ? 9   AIB A HB23 1 
ATOM   176 N N    A LEU A 1 10 ? -1.35180  5.24579   -0.67228 0.480 3.79519  ? 10  LEU A N    1 
ATOM   177 N N    B LEU A 1 10 ? -1.37652  5.26897   -0.66439 0.520 4.01627  ? 10  LEU A N    1 
ATOM   178 C CA   A LEU A 1 10 ? -2.34084  5.84577   -1.56298 0.480 3.70571  ? 10  LEU A CA   1 
ATOM   179 C CA   B LEU A 1 10 ? -2.37338  5.92525   -1.51234 0.520 4.11102  ? 10  LEU A CA   1 
ATOM   180 C C    A LEU A 1 10 ? -3.73057  5.58154   -1.00389 0.480 3.69781  ? 10  LEU A C    1 
ATOM   181 C C    B LEU A 1 10 ? -3.76026  5.85719   -0.90118 0.520 4.14523  ? 10  LEU A C    1 
ATOM   182 O O    A LEU A 1 10 ? -4.73659  5.70397   -1.68661 0.480 3.93205  ? 10  LEU A O    1 
ATOM   183 O O    B LEU A 1 10 ? -4.60464  6.70710   -1.15488 0.520 3.72413  ? 10  LEU A O    1 
ATOM   184 C CB   A LEU A 1 10 ? -2.20946  5.23935   -2.96480 0.480 3.88204  ? 10  LEU A CB   1 
ATOM   185 C CB   B LEU A 1 10 ? -2.38354  5.29083   -2.90508 0.520 4.18208  ? 10  LEU A CB   1 
ATOM   186 C CG   A LEU A 1 10 ? -0.86773  5.54406   -3.64968 0.480 3.54516  ? 10  LEU A CG   1 
ATOM   187 C CG   B LEU A 1 10 ? -1.00457  5.31347   -3.57562 0.520 3.92679  ? 10  LEU A CG   1 
ATOM   188 C CD1  A LEU A 1 10 ? -0.71497  4.80569   -4.96628 0.480 3.92679  ? 10  LEU A CD1  1 
ATOM   189 C CD1  B LEU A 1 10 ? -1.03731  4.66397   -4.94777 0.520 4.53739  ? 10  LEU A CD1  1 
ATOM   190 C CD2  A LEU A 1 10 ? -0.68657  7.03904   -3.86924 0.480 4.16629  ? 10  LEU A CD2  1 
ATOM   191 C CD2  B LEU A 1 10 ? -0.47741  6.74654   -3.67190 0.520 3.78730  ? 10  LEU A CD2  1 
ATOM   192 H H    A LEU A 1 10 ? -1.33961  4.38660   -0.71839 0.480 4.56000  ? 10  LEU A H    1 
ATOM   193 H H    B LEU A 1 10 ? -1.37986  4.41127   -0.73154 0.520 4.83000  ? 10  LEU A H    1 
ATOM   194 H HA   A LEU A 1 10 ? -2.20445  6.80301   -1.63965 0.480 4.45000  ? 10  LEU A HA   1 
ATOM   195 H HA   B LEU A 1 10 ? -2.13740  6.86238   -1.60040 0.520 4.94000  ? 10  LEU A HA   1 
ATOM   196 H HB2  A LEU A 1 10 ? -2.29554  4.27608   -2.89692 0.480 4.67000  ? 10  LEU A HB2  1 
ATOM   197 H HB2  B LEU A 1 10 ? -2.66663  4.36672   -2.82836 0.520 5.03000  ? 10  LEU A HB2  1 
ATOM   198 H HB3  A LEU A 1 10 ? -2.91527  5.59636   -3.52579 0.480 4.67000  ? 10  LEU A HB3  1 
ATOM   199 H HB3  B LEU A 1 10 ? -3.00212  5.78109   -3.47032 0.520 5.03000  ? 10  LEU A HB3  1 
ATOM   200 H HG   A LEU A 1 10 ? -0.16783  5.23145   -3.05492 0.480 4.26000  ? 10  LEU A HG   1 
ATOM   201 H HG   B LEU A 1 10 ? -0.39374  4.79806   -3.02691 0.520 4.72000  ? 10  LEU A HG   1 
ATOM   202 H HD11 A LEU A 1 10 ? 0.14690   5.02537   -5.35361 0.480 4.72000  ? 10  LEU A HD11 1 
ATOM   203 H HD11 B LEU A 1 10 ? -0.17104  4.77473   -5.36924 0.520 5.45000  ? 10  LEU A HD11 1 
ATOM   204 H HD12 A LEU A 1 10 ? -0.76870  3.85132   -4.80190 0.480 4.72000  ? 10  LEU A HD12 1 
ATOM   205 H HD12 B LEU A 1 10 ? -1.23781  3.72102   -4.84614 0.520 5.45000  ? 10  LEU A HD12 1 
ATOM   206 H HD13 A LEU A 1 10 ? -1.42569  5.07812   -5.56657 0.480 4.72000  ? 10  LEU A HD13 1 
ATOM   207 H HD13 B LEU A 1 10 ? -1.72312  5.09330   -5.48385 0.520 5.45000  ? 10  LEU A HD13 1 
ATOM   208 H HD21 A LEU A 1 10 ? 0.06428   7.18169   -4.46739 0.480 5.01000  ? 10  LEU A HD21 1 
ATOM   209 H HD21 B LEU A 1 10 ? 0.32080   6.75223   -4.22318 0.520 4.55000  ? 10  LEU A HD21 1 
ATOM   210 H HD22 A LEU A 1 10 ? -1.49621  7.40021   -4.26444 0.480 5.01000  ? 10  LEU A HD22 1 
ATOM   211 H HD22 B LEU A 1 10 ? -1.15938  7.30771   -4.07253 0.520 4.55000  ? 10  LEU A HD22 1 
ATOM   212 H HD23 A LEU A 1 10 ? -0.51559  7.46513   -3.01541 0.480 5.01000  ? 10  LEU A HD23 1 
ATOM   213 H HD23 B LEU A 1 10 ? -0.26635  7.06700   -2.78116 0.520 4.55000  ? 10  LEU A HD23 1 
HETATM 214 C C11  A I77 A 1 11 ? -8.12740  2.53226   0.24979  0.350 5.44013  ? 11  I77 A C11  1 
HETATM 215 C C11  B I77 A 1 11 ? -7.77868  3.64401   1.19688  0.650 5.41118  ? 11  I77 A C11  1 
HETATM 216 C C12  A I77 A 1 11 ? -7.36895  3.59717   0.69845  0.350 5.64805  ? 11  I77 A C12  1 
HETATM 217 C C12  B I77 A 1 11 ? -7.29336  4.81797   1.73470  0.650 5.80859  ? 11  I77 A C12  1 
HETATM 218 C C13  A I77 A 1 11 ? -6.10961  4.05476   -0.00910 0.350 6.25865  ? 11  I77 A C13  1 
HETATM 219 C C13  B I77 A 1 11 ? -6.01019  5.40959   1.16297  0.650 5.81122  ? 11  I77 A C13  1 
HETATM 220 C C17  A I77 A 1 11 ? -7.73316  4.29008   1.84233  0.350 5.57435  ? 11  I77 A C17  1 
HETATM 221 C C17  B I77 A 1 11 ? -7.97073  5.43103   2.78863  0.650 4.94007  ? 11  I77 A C17  1 
HETATM 222 C C18  A I77 A 1 11 ? -8.86380  3.89049   2.49907  0.350 4.86374  ? 11  I77 A C18  1 
HETATM 223 C C18  B I77 A 1 11 ? -9.12315  4.83743   3.25945  0.650 4.61108  ? 11  I77 A C18  1 
HETATM 224 C C02  A I77 A 1 11 ? -14.27817 0.96514   4.67429  0.350 5.41644  ? 11  I77 A C02  1 
HETATM 225 C C02  B I77 A 1 11 ? -14.37209 1.27072   4.51874  0.650 2.63716  ? 11  I77 A C02  1 
HETATM 226 C C03  A I77 A 1 11 ? -13.00738 1.47793   3.97025  0.350 5.47960  ? 11  I77 A C03  1 
HETATM 227 C C03  B I77 A 1 11 ? -13.07368 1.93079   4.03463  0.650 2.90561  ? 11  I77 A C03  1 
HETATM 228 C C04  A I77 A 1 11 ? -12.52933 0.71987   2.91949  0.350 5.34275  ? 11  I77 A C04  1 
HETATM 229 C C04  B I77 A 1 11 ? -12.38837 1.28059   3.03784  0.650 3.64517  ? 11  I77 A C04  1 
HETATM 230 C C05  A I77 A 1 11 ? -11.39847 1.17626   2.28130  0.350 5.00323  ? 11  I77 A C05  1 
HETATM 231 C C05  B I77 A 1 11 ? -11.22238 1.85064   2.60593  0.650 4.02417  ? 11  I77 A C05  1 
HETATM 232 C C06  A I77 A 1 11 ? -12.38522 2.65826   4.34403  0.350 5.20589  ? 11  I77 A C06  1 
HETATM 233 C C06  B I77 A 1 11 ? -12.60108 3.11376   4.57395  0.650 3.21091  ? 11  I77 A C06  1 
HETATM 234 C C08  A I77 A 1 11 ? -10.81551 2.35347   2.70103  0.350 4.91375  ? 11  I77 A C08  1 
HETATM 235 C C08  B I77 A 1 11 ? -10.80336 3.03274   3.17716  0.650 3.64254  ? 11  I77 A C08  1 
HETATM 236 C C09  A I77 A 1 11 ? -9.57667  2.81790   1.99021  0.350 4.80584  ? 11  I77 A C09  1 
HETATM 237 C C09  B I77 A 1 11 ? -9.54209  3.66109   2.67373  0.650 4.89006  ? 11  I77 A C09  1 
HETATM 238 N N01  A I77 A 1 11 ? -14.76012 1.63613   5.86695  0.350 4.89006  ? 11  I77 A N01  1 
HETATM 239 N N01  B I77 A 1 11 ? -15.04760 1.90944   5.61408  0.650 3.16091  ? 11  I77 A N01  1 
HETATM 240 N N07  A I77 A 1 11 ? -11.30224 3.05125   3.70046  0.350 5.43749  ? 11  I77 A N07  1 
HETATM 241 N N07  B I77 A 1 11 ? -11.47980 3.64318   4.12279  0.650 3.41094  ? 11  I77 A N07  1 
HETATM 242 N N10  A I77 A 1 11 ? -9.20299  2.17724   0.90256  0.350 5.37696  ? 11  I77 A N10  1 
HETATM 243 N N10  B I77 A 1 11 ? -8.88083  3.10405   1.67405  0.650 6.06125  ? 11  I77 A N10  1 
HETATM 244 N N14  A I77 A 1 11 ? -5.15995  4.79591   0.84443  0.350 4.99797  ? 11  I77 A N14  1 
HETATM 245 N N14  B I77 A 1 11 ? -5.08343  4.41998   0.59986  0.650 4.97428  ? 11  I77 A N14  1 
HETATM 246 N N15  A I77 A 1 11 ? -3.92833  5.30157   0.38154  0.350 4.28736  ? 11  I77 A N15  1 
HETATM 247 N N15  B I77 A 1 11 ? -3.83937  4.77974   0.03124  0.650 5.36906  ? 11  I77 A N15  1 
HETATM 248 O O16  A I77 A 1 11 ? -5.95140  3.80412   -1.16165 0.350 7.27456  ? 11  I77 A O16  1 
HETATM 249 O O16  B I77 A 1 11 ? -5.79455  6.58482   1.16110  0.650 7.00347  ? 11  I77 A O16  1 
HETATM 250 O O19  A I77 A 1 11 ? -14.84275 0.01965   4.23001  0.350 5.41118  ? 11  I77 A O19  1 
HETATM 251 O O19  B I77 A 1 11 ? -14.78604 0.27132   4.00798  0.650 3.52674  ? 11  I77 A O19  1 
HETATM 252 H H111 A I77 A 1 11 ? -7.83259  1.99556   -0.63841 0.350 6.53000  ? 11  I77 A H111 1 
HETATM 253 H H111 B I77 A 1 11 ? -7.25459  3.16680   0.38237  0.650 6.50000  ? 11  I77 A H111 1 
HETATM 254 H H171 A I77 A 1 11 ? -7.13772  5.12703   2.20633  0.350 6.70000  ? 11  I77 A H171 1 
HETATM 255 H H171 B I77 A 1 11 ? -7.59824  6.35605   3.23039  0.650 5.94000  ? 11  I77 A H171 1 
HETATM 256 H H181 A I77 A 1 11 ? -9.19678  4.40389   3.39974  0.350 5.84000  ? 11  I77 A H181 1 
HETATM 257 H H181 B I77 A 1 11 ? -9.68862  5.28555   4.07417  0.650 5.54000  ? 11  I77 A H181 1 
HETATM 258 H H041 A I77 A 1 11 ? -13.01758 -0.18570  2.61454  0.350 6.42000  ? 11  I77 A H041 1 
HETATM 259 H H041 B I77 A 1 11 ? -12.75353 0.36351   2.61571  0.650 4.38000  ? 11  I77 A H041 1 
HETATM 260 H H051 A I77 A 1 11 ? -10.97002 0.61600   1.45889  0.350 6.01000  ? 11  I77 A H051 1 
HETATM 261 H H051 B I77 A 1 11 ? -10.63704 1.37939   1.82591  0.650 4.84000  ? 11  I77 A H051 1 
HETATM 262 H H061 A I77 A 1 11 ? -12.78425 3.25184   5.15487  0.350 6.26000  ? 11  I77 A H061 1 
HETATM 263 H H061 B I77 A 1 11 ? -13.14970 3.60535   5.36490  0.650 3.86000  ? 11  I77 A H061 1 
HETATM 264 H H011 A I77 A 1 11 ? -14.26836 2.42614   6.22596  0.350 5.88000  ? 11  I77 A H011 1 
HETATM 265 H H011 B I77 A 1 11 ? -14.67319 2.74060   6.01759  0.650 3.80000  ? 11  I77 A H011 1 
HETATM 266 H H012 A I77 A 1 11 ? -15.58826 1.30072   6.32999  0.350 5.88000  ? 11  I77 A H012 1 
HETATM 267 H H012 B I77 A 1 11 ? -15.90204 1.51474   5.97403  0.650 3.80000  ? 11  I77 A H012 1 
HETATM 268 H H141 A I77 A 1 11 ? -5.40482  4.94877   1.80788  0.350 6.00000  ? 11  I77 A H141 1 
HETATM 269 H H141 B I77 A 1 11 ? -5.34278  3.44870   0.61926  0.650 5.98000  ? 11  I77 A H141 1 
HETATM 270 C C1   A PIH B 2 .  ? -3.86297  -0.81770  -5.08246 0.130 6.88240  ? 201 PIH A C1   1 
HETATM 271 C C1   B PIH B 2 .  ? -2.84077  -2.41395  -5.54997 0.540 5.62699  ? 201 PIH A C1   1 
HETATM 272 C C2   A PIH B 2 .  ? -5.16559  -0.69672  -4.62044 0.130 6.63501  ? 201 PIH A C2   1 
HETATM 273 C C2   B PIH B 2 .  ? -1.58295  -2.62214  -6.09275 0.540 4.89269  ? 201 PIH A C2   1 
HETATM 274 C C3   A PIH B 2 .  ? -5.94137  -1.82626  -4.42579 0.130 6.75871  ? 201 PIH A C3   1 
HETATM 275 C C3   B PIH B 2 .  ? -0.69564  -1.56246  -6.18755 0.540 4.34526  ? 201 PIH A C3   1 
HETATM 276 C C4   A PIH B 2 .  ? -5.41615  -3.07702  -4.70085 0.130 7.08243  ? 201 PIH A C4   1 
HETATM 277 C C4   B PIH B 2 .  ? -1.05842  -0.30939  -5.73035 0.540 4.50844  ? 201 PIH A C4   1 
HETATM 278 C C5   A PIH B 2 .  ? -4.11533  -3.19346  -5.16536 0.130 7.35351  ? 201 PIH A C5   1 
HETATM 279 C C5   B PIH B 2 .  ? -2.30973  -0.11079  -5.19086 0.540 4.72425  ? 201 PIH A C5   1 
HETATM 280 C C6   A PIH B 2 .  ? -3.33192  -2.06879  -5.35473 0.130 7.44037  ? 201 PIH A C6   1 
HETATM 281 C C6   B PIH B 2 .  ? -3.20023  -1.16116  -5.09971 0.540 5.66121  ? 201 PIH A C6   1 
HETATM 282 I I6   A PIH B 2 .  ? -1.34641  -2.27651  -6.05492 0.130 8.15624  ? 201 PIH A I6   1 
HETATM 283 I I6   B PIH B 2 .  ? -5.09745  -0.85492  -4.25442 0.540 7.35351  ? 201 PIH A I6   1 
HETATM 284 H H1   A PIH B 2 .  ? -3.25907  0.06888   -5.23084 0.130 8.27000  ? 201 PIH A H1   1 
HETATM 285 H H1   B PIH B 2 .  ? -3.54248  -3.23609  -5.48069 0.540 6.76000  ? 201 PIH A H1   1 
HETATM 286 H H2   A PIH B 2 .  ? -5.57633  0.28276   -4.41139 0.130 7.97000  ? 201 PIH A H2   1 
HETATM 287 H H2   B PIH B 2 .  ? -1.29604  -3.60646  -6.43970 0.540 5.88000  ? 201 PIH A H2   1 
HETATM 288 H H3   A PIH B 2 .  ? -6.95632  -1.73168  -4.06108 0.130 8.12000  ? 201 PIH A H3   1 
HETATM 289 H H3   B PIH B 2 .  ? 0.28479   -1.71659  -6.62217 0.540 5.22000  ? 201 PIH A H3   1 
HETATM 290 H H4   A PIH B 2 .  ? -6.02104  -3.96254  -4.55386 0.130 8.51000  ? 201 PIH A H4   1 
HETATM 291 H H4   B PIH B 2 .  ? -0.35831  0.51449   -5.79571 0.540 5.42000  ? 201 PIH A H4   1 
HETATM 292 H H5   A PIH B 2 .  ? -3.70795  -4.17396  -5.38145 0.130 8.83000  ? 201 PIH A H5   1 
HETATM 293 H H5   B PIH B 2 .  ? -2.59618  0.87240   -4.83787 0.540 5.68000  ? 201 PIH A H5   1 
HETATM 294 N N    . CCN C 3 .  ? 3.12394   3.70457   4.19523  1.000 6.63764  ? 202 CCN A N    1 
HETATM 295 C C1   . CCN C 3 .  ? 3.53838   3.06302   3.36861  1.000 5.77174  ? 202 CCN A C1   1 
HETATM 296 C C2   . CCN C 3 .  ? 4.10705   2.19281   2.26293  1.000 5.49540  ? 202 CCN A C2   1 
HETATM 297 H H21  . CCN C 3 .  ? 3.56320   2.37486   1.34396  1.000 6.60000  ? 202 CCN A H21  1 
HETATM 298 H H22  . CCN C 3 .  ? 4.00964   1.14996   2.53872  1.000 6.60000  ? 202 CCN A H22  1 
HETATM 299 H H23  . CCN C 3 .  ? 5.15319   2.43158   2.11713  1.000 6.60000  ? 202 CCN A H23  1 
HETATM 300 O O    . HOH D 4 .  ? -4.80663  2.31495   -1.68735 1.000 5.89281  ? 301 HOH A O    1 
HETATM 301 O O    . HOH D 4 .  ? -4.41962  -0.67399  1.21758  1.000 1.23436  ? 302 HOH A O    1 
HETATM 302 O O    . HOH D 4 .  ? -4.98382  -6.48519  3.75516  1.000 8.26678  ? 303 HOH A O    1 
HETATM 303 O O    . HOH D 4 .  ? -3.62460  -1.89998  4.49053  1.000 1.75811  ? 304 HOH A O    1 
HETATM 304 O O    . HOH D 4 .  ? -1.66676  -1.97969  6.87317  1.000 13.15421 ? 305 HOH A O    1 
HETATM 305 O O    . HOH D 4 .  ? -0.27601  -5.03775  6.95015  1.000 23.52387 ? 306 HOH A O    1 
HETATM 306 O O    . HOH D 4 .  ? -6.62106  -4.96773  1.44652  1.000 20.62353 ? 307 HOH A O    1 
HETATM 307 O O    . HOH D 4 .  ? -8.21737  -3.48975  5.93549  1.000 10.61969 ? 308 HOH A O    1 
# 
loop_
_atom_site_anisotrop.id 
_atom_site_anisotrop.type_symbol 
_atom_site_anisotrop.pdbx_label_atom_id 
_atom_site_anisotrop.pdbx_label_alt_id 
_atom_site_anisotrop.pdbx_label_comp_id 
_atom_site_anisotrop.pdbx_label_asym_id 
_atom_site_anisotrop.pdbx_label_seq_id 
_atom_site_anisotrop.pdbx_PDB_ins_code 
_atom_site_anisotrop.U[1][1] 
_atom_site_anisotrop.U[2][2] 
_atom_site_anisotrop.U[3][3] 
_atom_site_anisotrop.U[1][2] 
_atom_site_anisotrop.U[1][3] 
_atom_site_anisotrop.U[2][3] 
_atom_site_anisotrop.pdbx_auth_seq_id 
_atom_site_anisotrop.pdbx_auth_comp_id 
_atom_site_anisotrop.pdbx_auth_asym_id 
_atom_site_anisotrop.pdbx_auth_atom_id 
1   C C05 A I6W A 1  ? 0.08257 0.02663 0.02251 -0.01432 -0.00688 0.00154  1   I6W A C05 
2   C C05 B I6W A 1  ? 0.10348 0.07312 0.09860 -0.01307 -0.05074 0.03273  1   I6W A C05 
3   C C08 A I6W A 1  ? 0.07466 0.03195 0.02060 -0.00828 -0.00525 0.00386  1   I6W A C08 
4   C C08 B I6W A 1  ? 0.09561 0.07038 0.10291 -0.01045 -0.04610 0.03558  1   I6W A C08 
5   C C09 A I6W A 1  ? 0.06583 0.04865 0.01782 -0.00746 -0.00520 0.00188  1   I6W A C09 
6   C C09 B I6W A 1  ? 0.08730 0.07034 0.11916 -0.00732 -0.04506 0.03804  1   I6W A C09 
7   N N10 A I6W A 1  ? 0.07700 0.07469 0.02451 -0.01314 0.00112  0.00977  1   I6W A N10 
8   N N10 B I6W A 1  ? 0.08314 0.10088 0.12568 -0.00408 -0.04960 0.03843  1   I6W A N10 
9   C C02 . I6W A 1  ? 0.11090 0.06650 0.06190 -0.02149 -0.04213 0.01891  1   I6W A C02 
10  C C03 A I6W A 1  ? 0.10031 0.04839 0.03300 -0.01956 -0.01905 0.00566  1   I6W A C03 
11  C C03 B I6W A 1  ? 0.11167 0.06745 0.07589 -0.01895 -0.04682 0.02536  1   I6W A C03 
12  C C04 A I6W A 1  ? 0.09242 0.03424 0.02663 -0.01701 -0.01111 0.00196  1   I6W A C04 
13  C C04 B I6W A 1  ? 0.10793 0.05679 0.09688 -0.01610 -0.04829 0.02846  1   I6W A C04 
14  C C06 A I6W A 1  ? 0.08990 0.03857 0.02632 -0.01520 -0.01121 0.00473  1   I6W A C06 
15  C C06 B I6W A 1  ? 0.11225 0.07135 0.08310 -0.01453 -0.04448 0.03135  1   I6W A C06 
16  C C11 A I6W A 1  ? 0.08052 0.06845 0.02873 -0.01220 0.00469  0.01566  1   I6W A C11 
17  C C11 B I6W A 1  ? 0.08216 0.09952 0.13131 -0.00483 -0.05018 0.03880  1   I6W A C11 
18  C C12 A I6W A 1  ? 0.08185 0.06230 0.02514 -0.01508 -0.00034 0.00972  1   I6W A C12 
19  C C12 B I6W A 1  ? 0.07485 0.10892 0.13934 -0.00487 -0.04869 0.03645  1   I6W A C12 
20  C C13 A I6W A 1  ? 0.10675 0.07396 0.03559 -0.02279 0.01018  0.01004  1   I6W A C13 
21  C C13 B I6W A 1  ? 0.07576 0.11762 0.14882 -0.00100 -0.04746 0.03987  1   I6W A C13 
22  C C15 A I6W A 1  ? 0.14008 0.10120 0.05992 -0.02677 0.02355  0.00010  1   I6W A C15 
23  C C15 B I6W A 1  ? 0.10919 0.13148 0.16773 -0.01775 -0.03799 0.06207  1   I6W A C15 
24  C C16 A I6W A 1  ? 0.14546 0.09540 0.05164 -0.03582 0.01845  -0.00335 1   I6W A C16 
25  C C16 B I6W A 1  ? 0.12967 0.15665 0.16409 -0.03294 -0.02359 0.05457  1   I6W A C16 
26  C C18 A I6W A 1  ? 0.05942 0.05452 0.01866 -0.01002 -0.00787 -0.00063 1   I6W A C18 
27  C C18 B I6W A 1  ? 0.08038 0.10019 0.14604 -0.00524 -0.04951 0.04271  1   I6W A C18 
28  C C19 A I6W A 1  ? 0.06398 0.04354 0.01777 -0.00513 -0.00640 -0.00296 1   I6W A C19 
29  C C19 B I6W A 1  ? 0.08443 0.07766 0.13411 -0.00615 -0.04652 0.04128  1   I6W A C19 
30  N N07 A I6W A 1  ? 0.08139 0.04216 0.02235 -0.01095 -0.00679 0.00353  1   I6W A N07 
31  N N07 B I6W A 1  ? 0.11041 0.07995 0.09315 -0.01391 -0.04727 0.03630  1   I6W A N07 
32  O O01 A I6W A 1  ? 0.10011 0.07305 0.07274 -0.02817 -0.04428 0.00665  1   I6W A O01 
33  O O01 B I6W A 1  ? 0.09956 0.08447 0.05987 -0.02173 -0.03865 0.02200  1   I6W A O01 
34  O O14 A I6W A 1  ? 0.13058 0.08596 0.06396 -0.02088 0.02469  0.00432  1   I6W A O14 
35  O O14 B I6W A 1  ? 0.08431 0.10743 0.15606 -0.00101 -0.04513 0.05197  1   I6W A O14 
36  O O17 A I6W A 1  ? 0.10742 0.07142 0.03656 -0.02972 0.01136  0.00584  1   I6W A O17 
37  O O17 B I6W A 1  ? 0.07450 0.11867 0.16943 -0.00203 -0.04905 0.03668  1   I6W A O17 
60  N N   . LEU A 2  ? 0.11681 0.06418 0.05931 -0.00662 -0.04325 0.00895  2   LEU A N   
61  C CA  . LEU A 2  ? 0.09252 0.06720 0.05448 0.01597  -0.03768 -0.00187 2   LEU A CA  
62  C C   . LEU A 2  ? 0.06897 0.03829 0.04244 0.02125  -0.02625 -0.00802 2   LEU A C   
63  O O   . LEU A 2  ? 0.06131 0.05180 0.03509 0.01764  -0.02131 0.00011  2   LEU A O   
64  C CB  . LEU A 2  ? 0.10930 0.07709 0.07501 0.05038  -0.02454 -0.00888 2   LEU A CB  
65  C CG  . LEU A 2  ? 0.10263 0.12024 0.08042 0.06537  -0.01407 -0.01660 2   LEU A CG  
66  C CD1 . LEU A 2  ? 0.09866 0.13022 0.09962 0.06637  -0.00921 -0.00910 2   LEU A CD1 
67  C CD2 . LEU A 2  ? 0.10478 0.12292 0.07940 0.06340  -0.00844 -0.02572 2   LEU A CD2 
78  N N   . AIB A 3  ? 0.06918 0.04559 0.04143 0.01090  -0.01067 -0.00522 3   AIB A N   
79  C CA  . AIB A 3  ? 0.05270 0.03664 0.04056 0.01428  0.00255  0.00157  3   AIB A CA  
80  C C   . AIB A 3  ? 0.04595 0.04728 0.03037 0.00052  -0.00595 0.01076  3   AIB A C   
81  O O   . AIB A 3  ? 0.04773 0.04552 0.04055 0.00746  0.01008  -0.00385 3   AIB A O   
82  C CB1 . AIB A 3  ? 0.06683 0.03530 0.05388 0.00800  0.02405  -0.01159 3   AIB A CB1 
83  C CB2 . AIB A 3  ? 0.06153 0.03766 0.03450 -0.00243 -0.01110 0.01026  3   AIB A CB2 
91  N N   . ALA A 4  ? 0.04833 0.05172 0.04525 -0.00405 -0.01010 0.00715  4   ALA A N   
92  C CA  . ALA A 4  ? 0.05702 0.06994 0.04883 -0.00200 0.00672  -0.00132 4   ALA A CA  
93  C C   . ALA A 4  ? 0.05171 0.05732 0.02807 0.00357  0.00681  -0.00525 4   ALA A C   
94  O O   . ALA A 4  ? 0.04097 0.07647 0.03566 0.01115  0.00913  -0.01424 4   ALA A O   
95  C CB  . ALA A 4  ? 0.07318 0.07404 0.07748 -0.02301 0.01444  -0.00858 4   ALA A CB  
101 N N   . AIB A 5  ? 0.04532 0.06271 0.02047 -0.00099 -0.00948 0.00415  5   AIB A N   
102 C CA  . AIB A 5  ? 0.05441 0.06391 0.01958 0.00159  -0.00025 -0.00588 5   AIB A CA  
103 C C   . AIB A 5  ? 0.05291 0.03408 0.03521 0.01632  -0.00040 0.01008  5   AIB A C   
104 O O   . AIB A 5  ? 0.06093 0.04521 0.03346 0.00841  -0.00015 0.00351  5   AIB A O   
105 C CB1 . AIB A 5  ? 0.05583 0.07947 0.03070 0.00647  0.01058  0.00172  5   AIB A CB1 
106 C CB2 . AIB A 5  ? 0.05180 0.04682 0.03567 0.00382  -0.01246 0.01718  5   AIB A CB2 
114 N N   . LEU A 6  ? 0.04823 0.04541 0.01786 0.00664  -0.00332 -0.00409 6   LEU A N   
115 C CA  . LEU A 6  ? 0.04164 0.04691 0.04185 0.00872  -0.00967 0.00308  6   LEU A CA  
116 C C   . LEU A 6  ? 0.04754 0.05407 0.02809 0.01226  -0.00215 0.00124  6   LEU A C   
117 O O   . LEU A 6  ? 0.03618 0.05139 0.04573 0.01080  -0.00440 -0.00683 6   LEU A O   
118 C CB  . LEU A 6  ? 0.04150 0.05823 0.04808 0.00286  -0.00505 0.00281  6   LEU A CB  
119 C CG  . LEU A 6  ? 0.04748 0.07687 0.07485 0.01596  0.00915  0.00995  6   LEU A CG  
120 C CD1 . LEU A 6  ? 0.05557 0.09123 0.09130 0.00519  0.01293  -0.00595 6   LEU A CD1 
121 C CD2 . LEU A 6  ? 0.04145 0.11056 0.10328 0.00434  -0.00384 0.00464  6   LEU A CD2 
133 N N   . AIB A 7  ? 0.04932 0.02808 0.04540 0.01171  -0.00181 -0.00136 7   AIB A N   
134 C CA  . AIB A 7  ? 0.05217 0.04697 0.02346 0.02028  -0.00893 0.00266  7   AIB A CA  
135 C C   . AIB A 7  ? 0.04787 0.04754 0.03109 0.01916  -0.00950 0.00889  7   AIB A C   
136 O O   . AIB A 7  ? 0.05049 0.05674 0.03837 0.01124  -0.00599 0.00465  7   AIB A O   
137 C CB1 . AIB A 7  ? 0.07960 0.05261 0.02220 0.01526  0.00148  0.00419  7   AIB A CB1 
138 C CB2 . AIB A 7  ? 0.05408 0.05849 0.03453 0.01931  0.00116  -0.00660 7   AIB A CB2 
146 N N   . GLN A 8  ? 0.05220 0.03458 0.04192 0.01773  -0.00692 -0.00450 8   GLN A N   
147 C CA  . GLN A 8  ? 0.04815 0.03267 0.02718 0.01346  -0.00545 -0.00139 8   GLN A CA  
148 C C   . GLN A 8  ? 0.04383 0.04137 0.02470 0.01522  0.00147  0.01371  8   GLN A C   
149 O O   . GLN A 8  ? 0.02834 0.04415 0.01491 0.01538  0.00317  0.00201  8   GLN A O   
150 C CB  . GLN A 8  ? 0.04089 0.04828 0.01973 0.01021  -0.00378 0.00663  8   GLN A CB  
151 C CG  . GLN A 8  ? 0.03715 0.04800 0.01804 0.00788  0.00212  0.00314  8   GLN A CG  
152 C CD  . GLN A 8  ? 0.03881 0.03066 0.02783 0.01782  0.00146  -0.00054 8   GLN A CD  
153 O OE1 . GLN A 8  ? 0.04319 0.04357 0.02404 0.01902  0.00937  -0.00200 8   GLN A OE1 
154 N NE2 . GLN A 8  ? 0.05332 0.05413 0.02285 0.01877  -0.00586 0.00673  8   GLN A NE2 
163 N N   . AIB A 9  ? 0.03499 0.03566 0.02545 0.01895  0.00438  0.00526  9   AIB A N   
164 C CA  . AIB A 9  ? 0.03432 0.04846 0.02653 0.00762  -0.00626 0.00587  9   AIB A CA  
165 C C   . AIB A 9  ? 0.03784 0.05488 0.04058 0.00923  -0.00461 0.00510  9   AIB A C   
166 O O   . AIB A 9  ? 0.04736 0.03901 0.07473 0.01648  -0.01145 0.01399  9   AIB A O   
167 C CB1 . AIB A 9  ? 0.05162 0.03429 0.03359 0.01495  0.00598  0.00410  9   AIB A CB1 
168 C CB2 . AIB A 9  ? 0.02551 0.07076 0.03943 0.01011  -0.01057 -0.00024 9   AIB A CB2 
176 N N   A LEU A 10 ? 0.04298 0.06576 0.03546 0.00902  0.00068  0.00189  10  LEU A N   
177 N N   B LEU A 10 ? 0.04253 0.07535 0.03472 0.00759  -0.00189 0.00627  10  LEU A N   
178 C CA  A LEU A 10 ? 0.04129 0.06103 0.03848 0.02047  0.00421  0.01021  10  LEU A CA  
179 C CA  B LEU A 10 ? 0.04171 0.08225 0.03224 0.01276  -0.00294 0.01934  10  LEU A CA  
180 C C   A LEU A 10 ? 0.03359 0.07500 0.03191 0.01968  -0.00275 0.01105  10  LEU A C   
181 C C   B LEU A 10 ? 0.04062 0.08228 0.03460 0.01921  -0.00512 0.01399  10  LEU A C   
182 O O   A LEU A 10 ? 0.03798 0.07273 0.03869 0.02090  0.00027  0.01972  10  LEU A O   
183 O O   B LEU A 10 ? 0.04514 0.07227 0.02409 0.03136  0.00267  0.00508  10  LEU A O   
184 C CB  A LEU A 10 ? 0.05197 0.04181 0.05372 0.01165  0.00323  0.01032  10  LEU A CB  
185 C CB  B LEU A 10 ? 0.04434 0.08004 0.03452 -0.00013 -0.00821 0.02282  10  LEU A CB  
186 C CG  A LEU A 10 ? 0.04517 0.02103 0.06850 0.01049  -0.00025 -0.00129 10  LEU A CG  
187 C CG  B LEU A 10 ? 0.03669 0.07432 0.03819 -0.00289 -0.00955 0.02463  10  LEU A CG  
188 C CD1 A LEU A 10 ? 0.04571 0.02141 0.08207 0.00421  -0.00269 -0.00290 10  LEU A CD1 
189 C CD1 B LEU A 10 ? 0.04183 0.08329 0.04728 -0.00378 -0.01014 0.03169  10  LEU A CD1 
190 C CD2 A LEU A 10 ? 0.05066 0.02574 0.08190 0.01223  0.00298  0.00413  10  LEU A CD2 
191 C CD2 B LEU A 10 ? 0.03979 0.06305 0.04106 -0.00451 -0.00235 0.02912  10  LEU A CD2 
214 C C11 A I77 A 11 ? 0.05376 0.04951 0.10343 0.02377  0.00602  0.01320  11  I77 A C11 
215 C C11 B I77 A 11 ? 0.06589 0.04197 0.09774 0.01543  0.03359  0.02481  11  I77 A C11 
216 C C12 A I77 A 11 ? 0.05088 0.06032 0.10340 0.02470  0.00876  0.02250  11  I77 A C12 
217 C C12 B I77 A 11 ? 0.06388 0.06315 0.09366 0.01476  0.02544  0.03376  11  I77 A C12 
218 C C13 A I77 A 11 ? 0.04865 0.08539 0.10376 0.02790  0.02138  0.01419  11  I77 A C13 
219 C C13 B I77 A 11 ? 0.06789 0.06422 0.08870 0.01694  0.02329  0.02965  11  I77 A C13 
220 C C17 A I77 A 11 ? 0.05659 0.06120 0.09402 0.01672  0.00376  0.03211  11  I77 A C17 
221 C C17 B I77 A 11 ? 0.05210 0.07084 0.06477 0.00790  0.00328  0.04005  11  I77 A C17 
222 C C18 A I77 A 11 ? 0.05084 0.05699 0.07697 0.01980  -0.00052 0.02903  11  I77 A C18 
223 C C18 B I77 A 11 ? 0.05121 0.05617 0.06782 -0.00122 0.00073  0.03110  11  I77 A C18 
224 C C02 A I77 A 11 ? 0.06244 0.06101 0.08236 0.01642  0.01584  0.01059  11  I77 A C02 
225 C C02 B I77 A 11 ? 0.02894 0.02247 0.04879 -0.00074 -0.01328 0.01336  11  I77 A C02 
226 C C03 A I77 A 11 ? 0.06521 0.05846 0.08454 0.02012  0.01967  0.00510  11  I77 A C03 
227 C C03 B I77 A 11 ? 0.03307 0.02662 0.05071 -0.00609 -0.01341 0.01827  11  I77 A C03 
228 C C04 A I77 A 11 ? 0.06616 0.04466 0.09218 0.02262  0.01925  0.00820  11  I77 A C04 
229 C C04 B I77 A 11 ? 0.03935 0.04010 0.05905 0.00203  -0.00029 0.01703  11  I77 A C04 
230 C C05 A I77 A 11 ? 0.06297 0.04190 0.08523 0.02390  0.01959  0.00394  11  I77 A C05 
231 C C05 B I77 A 11 ? 0.04857 0.05383 0.05050 -0.00031 0.00124  0.01779  11  I77 A C05 
232 C C06 A I77 A 11 ? 0.06308 0.04721 0.08751 0.02671  0.01910  0.00256  11  I77 A C06 
233 C C06 B I77 A 11 ? 0.03357 0.03288 0.05555 -0.01157 -0.02034 0.02128  11  I77 A C06 
234 C C08 A I77 A 11 ? 0.05657 0.04584 0.08429 0.02620  0.01416  0.00829  11  I77 A C08 
235 C C08 B I77 A 11 ? 0.03856 0.04366 0.05617 0.00754  -0.00375 0.02636  11  I77 A C08 
236 C C09 A I77 A 11 ? 0.05035 0.04847 0.08377 0.02550  0.00641  0.01301  11  I77 A C09 
237 C C09 B I77 A 11 ? 0.04954 0.05632 0.07995 0.00696  0.00534  0.03070  11  I77 A C09 
238 N N01 A I77 A 11 ? 0.05200 0.05106 0.08274 0.02725  0.01354  0.00488  11  I77 A N01 
239 N N01 B I77 A 11 ? 0.03587 0.02203 0.06220 0.00118  -0.01307 0.01173  11  I77 A N01 
240 N N07 A I77 A 11 ? 0.05992 0.05603 0.09065 0.02998  0.01842  0.00669  11  I77 A N07 
241 N N07 B I77 A 11 ? 0.03520 0.04158 0.05282 -0.00194 -0.01480 0.02331  11  I77 A N07 
242 N N10 A I77 A 11 ? 0.05572 0.04964 0.09893 0.02556  0.01057  0.01176  11  I77 A N10 
243 N N10 B I77 A 11 ? 0.06720 0.06051 0.10259 0.01012  0.03121  0.02897  11  I77 A N10 
244 N N14 A I77 A 11 ? 0.04520 0.08221 0.06249 0.03006  0.01550  0.01669  11  I77 A N14 
245 N N14 B I77 A 11 ? 0.05499 0.06734 0.06667 0.01517  0.00835  0.02814  11  I77 A N14 
246 N N15 A I77 A 11 ? 0.03953 0.08059 0.04278 0.02829  0.00866  0.01435  11  I77 A N15 
247 N N15 B I77 A 11 ? 0.05478 0.07652 0.07270 0.01484  0.00473  0.03318  11  I77 A N15 
248 O O16 A I77 A 11 ? 0.05681 0.08936 0.13023 0.02799  0.02786  0.01134  11  I77 A O16 
249 O O16 B I77 A 11 ? 0.07526 0.06539 0.12545 0.01034  0.03159  0.01770  11  I77 A O16 
250 O O19 A I77 A 11 ? 0.06475 0.05441 0.08643 0.01182  0.01551  0.01383  11  I77 A O19 
251 O O19 B I77 A 11 ? 0.03911 0.04454 0.05035 0.00409  -0.00114 0.00985  11  I77 A O19 
270 C C1  A PIH B .  ? 0.10788 0.09452 0.05910 0.01778  0.00874  0.00739  201 PIH A C1  
271 C C1  B PIH B .  ? 0.09095 0.05250 0.07035 0.02817  -0.00535 0.00725  201 PIH A C1  
272 C C2  A PIH B .  ? 0.10767 0.09543 0.04899 0.01661  0.00453  0.00700  201 PIH A C2  
273 C C2  B PIH B .  ? 0.08962 0.03609 0.06019 0.02605  0.00358  0.00475  201 PIH A C2  
274 C C3  A PIH B .  ? 0.10624 0.10097 0.04959 0.01572  0.00358  0.00643  201 PIH A C3  
275 C C3  B PIH B .  ? 0.09595 0.03438 0.03477 0.02084  -0.00249 -0.00553 201 PIH A C3  
276 C C4  A PIH B .  ? 0.10925 0.10286 0.05699 0.01178  0.00578  0.00266  201 PIH A C4  
277 C C4  B PIH B .  ? 0.08711 0.05898 0.02521 0.01322  -0.00961 -0.00484 201 PIH A C4  
278 C C5  A PIH B .  ? 0.11073 0.10048 0.06819 0.01297  0.01110  0.00357  201 PIH A C5  
279 C C5  B PIH B .  ? 0.08058 0.07030 0.02862 0.00924  -0.01823 0.00100  201 PIH A C5  
280 C C6  A PIH B .  ? 0.11250 0.09121 0.07899 0.01510  0.01669  0.00704  201 PIH A C6  
281 C C6  B PIH B .  ? 0.08190 0.08738 0.04583 0.01602  -0.01547 0.01533  201 PIH A C6  
282 I I6  A PIH B .  ? 0.12358 0.07731 0.10901 0.01308  0.03233  0.01010  201 PIH A I6  
283 I I6  B PIH B .  ? 0.06579 0.14279 0.07082 -0.00050 -0.01861 0.03573  201 PIH A I6  
294 N N   . CCN C .  ? 0.07868 0.09070 0.08283 0.02719  -0.02485 -0.01027 202 CCN A N   
295 C C1  . CCN C .  ? 0.06300 0.08148 0.07483 0.02049  -0.03710 -0.01782 202 CCN A C1  
296 C C2  . CCN C .  ? 0.06361 0.05695 0.08824 0.02054  -0.03629 -0.01772 202 CCN A C2  
300 O O   . HOH D .  ? 0.06886 0.07549 0.07955 0.01345  -0.00272 -0.00023 301 HOH A O   
301 O O   . HOH D .  ? 0.00789 0.00802 0.03099 0.00009  -0.00110 0.00050  302 HOH A O   
302 O O   . HOH D .  ? 0.13333 0.07493 0.10584 -0.02615 0.06824  -0.01692 303 HOH A O   
303 O O   . HOH D .  ? 0.01655 0.01725 0.03299 -0.00483 0.00996  -0.01164 304 HOH A O   
304 O O   . HOH D .  ? 0.27144 0.09418 0.13417 0.04456  0.09764  0.02346  305 HOH A O   
305 O O   . HOH D .  ? 0.40790 0.25387 0.23203 0.04828  0.10962  0.01568  306 HOH A O   
306 O O   . HOH D .  ? 0.10647 0.33964 0.33749 -0.01138 0.02821  -0.07077 307 HOH A O   
307 O O   . HOH D .  ? 0.19253 0.11270 0.09827 0.07250  0.03974  0.03641  308 HOH A O   
# 
